data_8WW2
#
_entry.id   8WW2
#
_cell.length_a   1.00
_cell.length_b   1.00
_cell.length_c   1.00
_cell.angle_alpha   90.00
_cell.angle_beta   90.00
_cell.angle_gamma   90.00
#
_symmetry.space_group_name_H-M   'P 1'
#
loop_
_entity.id
_entity.type
_entity.pdbx_description
1 polymer 'Guanine nucleotide-binding protein G(s) subunit alpha isoforms short'
2 polymer 'Guanine nucleotide-binding protein G(I)/G(S)/G(T) subunit beta-1'
3 polymer 'Guanine nucleotide-binding protein G(I)/G(S)/G(O) subunit gamma-2'
4 polymer Nb35
5 polymer 'G-protein coupled receptor 3'
6 non-polymer 'OLEIC ACID'
7 non-polymer 'CHOLESTEROL HEMISUCCINATE'
8 non-polymer 'PALMITIC ACID'
9 water water
#
loop_
_entity_poly.entity_id
_entity_poly.type
_entity_poly.pdbx_seq_one_letter_code
_entity_poly.pdbx_strand_id
1 'polypeptide(L)'
;MGCTLSAEDKAAVERSKMIDRNLREDGEKAAATHRLLLLGAGESGKSTIVKQMRILHVNGFNGEGGEEDPQAARSNSDGE
KATKVQDIKNNLKEAIETIVAAMSNLVPPVELANPENQFRVDYILSVMNVPDFDFPPEFYEHAKALWEDEGVRACYERSN
EYQLIDCAQYFLDKIDVIKQDDYVPSDQDLLRCRVLTSGIFETKFQVDKVNFHMFDVGAQRDERRKWIQCFNDVTAIIFV
VASSSYNMVIREDNQTNRLQEALNLFKSIWNNRWLRTISVILFLNKQDLLAEKVLAGKSKIEDYFPEFARYTTPEDATPE
PGEDPRVTRAKYFIRDEFLRISTASGDGRHYCYPHFTCSVDTENIRRVFNDCRDIIQRMHLRQYELL
;
A
2 'polypeptide(L)'
;MGSLLQSELDQLRQEAEQLKNQIRDARKACADATLSQITNNIDPVGRIQMRTRRTLRGHLAKIYAMHWGTDSRLLVSASQ
DGKLIIWDSYTTNKVHAIPLRSSWVMTCAYAPSGNYVACGGLDNICSIYNLKTREGNVRVSRELAGHTGYLSCCRFLDDN
QIVTSSGDTTCALWDIETGQQTTTFTGHTGDVMSLSLAPDTRLFVSGACDASAKLWDVREGMCRQTFTGHESDINAICFF
PNGNAFATGSDDATCRLFDLRADQELMTYSHDNIICGITSVSFSKSGRLLLAGYDDFNCNVWDALKADRAGVLAGHDNRV
SCLGVTDDGMAVATGSWDSFLKIWNGS
;
B
3 'polypeptide(L)' MASNNTASIAQARKLVEQLKMEANIDRIKVSKAAADLMAYCEAHAKEDPLLTPVPASENPFREKKFFCAIL G
4 'polypeptide(L)'
;QVQLQESGGGLVQPGGSLRLSCAASGFTFSNYKMNWVRQAPGKGLEWVSDISQSGASISYTGSVKGRFTISRDNAKNTLY
LQMNSLKPEDTAVYYCARCPAPFTRDCFDVTSTTYAYRGQGTQVTVSSHHHHHHEPEA
;
N
5 'polypeptide(L)'
;MMWGAGSPLAWLSAGSGNVNVSSVGPAEGPTGPAAPLPSPKAWDVVLCISGTLVSCENALVVAIIVGTPAFRAPMFLLVG
SLAVADLLAGLGLVLHFAAVFCIGSAEMSLVLVGVLAMAFTASIGSLLAITVDRYLSLYNALTYYSETTVTRTYVMLALV
WGGALGLGLLPVLAWNCLDGLTTCGVVYPLSKNHLVVLAIAFFMVFGIMLQLYAQICRIVCRHAQQIALQRHLLPASHYV
ATRKGIATLAVVLGAFAACWLPFTVYCLLGDAHSPPLYTYLTLLPATYNSMINPIIYAFRNQDVQKVLWAVCCCCSSSKI
PFRSRSPSDV
;
R
#
loop_
_chem_comp.id
_chem_comp.type
_chem_comp.name
_chem_comp.formula
OLA non-polymer 'OLEIC ACID' 'C18 H34 O2'
PLM non-polymer 'PALMITIC ACID' 'C16 H32 O2'
Y01 non-polymer 'CHOLESTEROL HEMISUCCINATE' 'C31 H50 O4'
#
# COMPACT_ATOMS: atom_id res chain seq x y z
N SER A 6 7.34 31.81 -29.98
CA SER A 6 7.61 31.23 -28.66
C SER A 6 7.27 32.20 -27.54
N ALA A 7 6.38 33.16 -27.84
CA ALA A 7 5.88 34.03 -26.79
C ALA A 7 4.88 33.30 -25.90
N GLU A 8 4.04 32.44 -26.51
CA GLU A 8 3.15 31.59 -25.72
C GLU A 8 3.93 30.60 -24.87
N ASP A 9 5.02 30.07 -25.41
CA ASP A 9 5.89 29.17 -24.68
C ASP A 9 7.00 29.98 -24.00
N LYS A 10 7.97 29.29 -23.42
CA LYS A 10 9.12 29.93 -22.77
C LYS A 10 8.70 30.84 -21.63
N ALA A 11 7.42 30.85 -21.31
CA ALA A 11 6.86 31.53 -20.14
C ALA A 11 5.99 30.60 -19.31
N ALA A 12 5.23 29.72 -19.96
CA ALA A 12 4.57 28.62 -19.27
C ALA A 12 5.54 27.50 -18.94
N VAL A 13 6.59 27.35 -19.76
CA VAL A 13 7.67 26.42 -19.43
C VAL A 13 8.51 26.94 -18.28
N GLU A 14 8.65 28.28 -18.17
CA GLU A 14 9.43 28.85 -17.08
C GLU A 14 8.63 28.89 -15.78
N ARG A 15 7.31 29.08 -15.87
CA ARG A 15 6.49 29.07 -14.66
C ARG A 15 6.41 27.68 -14.04
N SER A 16 6.41 26.64 -14.88
CA SER A 16 6.38 25.27 -14.38
C SER A 16 7.66 24.87 -13.67
N LYS A 17 8.76 25.59 -13.90
CA LYS A 17 10.03 25.29 -13.24
C LYS A 17 10.16 25.98 -11.89
N MET A 18 9.49 27.10 -11.69
CA MET A 18 9.47 27.73 -10.39
C MET A 18 8.58 26.98 -9.42
N ILE A 19 7.51 26.36 -9.92
CA ILE A 19 6.64 25.53 -9.08
C ILE A 19 7.37 24.27 -8.65
N ASP A 20 8.19 23.71 -9.54
CA ASP A 20 8.86 22.44 -9.27
C ASP A 20 10.02 22.56 -8.29
N ARG A 21 10.44 23.77 -7.92
CA ARG A 21 11.51 23.88 -6.93
C ARG A 21 10.97 24.10 -5.52
N ASN A 22 9.78 24.71 -5.37
CA ASN A 22 9.13 24.72 -4.07
C ASN A 22 8.56 23.36 -3.71
N LEU A 23 8.28 22.51 -4.69
CA LEU A 23 7.83 21.16 -4.39
C LEU A 23 8.97 20.32 -3.82
N ARG A 24 10.17 20.45 -4.40
CA ARG A 24 11.34 19.75 -3.88
C ARG A 24 11.85 20.34 -2.58
N GLU A 25 11.71 21.66 -2.39
CA GLU A 25 12.11 22.28 -1.14
C GLU A 25 11.18 21.91 0.01
N ASP A 26 9.89 21.76 -0.26
CA ASP A 26 8.95 21.38 0.79
C ASP A 26 9.15 19.92 1.20
N GLY A 27 9.38 19.04 0.24
CA GLY A 27 9.65 17.65 0.54
C GLY A 27 10.94 17.39 1.28
N GLU A 28 11.81 18.40 1.37
CA GLU A 28 13.07 18.25 2.08
C GLU A 28 12.86 18.32 3.59
N LYS A 29 11.97 19.20 4.05
CA LYS A 29 11.67 19.28 5.47
C LYS A 29 10.86 18.07 5.95
N ALA A 30 10.07 17.48 5.06
CA ALA A 30 9.20 16.38 5.43
C ALA A 30 9.92 15.03 5.46
N ALA A 31 11.19 14.98 5.04
CA ALA A 31 11.97 13.76 5.10
C ALA A 31 12.72 13.60 6.41
N ALA A 32 12.65 14.59 7.30
CA ALA A 32 13.29 14.52 8.61
C ALA A 32 12.29 14.35 9.74
N THR A 33 11.03 14.07 9.41
CA THR A 33 9.96 13.97 10.39
C THR A 33 9.35 12.57 10.33
N HIS A 34 9.01 12.02 11.49
CA HIS A 34 8.47 10.68 11.61
C HIS A 34 7.04 10.76 12.15
N ARG A 35 6.13 10.03 11.52
CA ARG A 35 4.71 10.10 11.81
C ARG A 35 4.24 8.80 12.45
N LEU A 36 3.43 8.92 13.49
CA LEU A 36 2.99 7.79 14.31
C LEU A 36 1.47 7.75 14.32
N LEU A 37 0.91 6.56 14.56
CA LEU A 37 -0.53 6.42 14.74
C LEU A 37 -0.82 5.83 16.11
N LEU A 38 -1.70 6.48 16.87
CA LEU A 38 -1.98 6.12 18.25
C LEU A 38 -3.38 5.51 18.37
N LEU A 39 -3.47 4.35 19.01
CA LEU A 39 -4.75 3.69 19.24
C LEU A 39 -4.87 3.23 20.68
N GLY A 40 -6.08 3.32 21.21
CA GLY A 40 -6.38 2.88 22.56
C GLY A 40 -7.84 2.57 22.75
N ALA A 41 -8.38 2.93 23.91
CA ALA A 41 -9.81 2.77 24.20
C ALA A 41 -10.18 3.74 25.30
N GLY A 42 -11.38 3.59 25.86
CA GLY A 42 -11.81 4.48 26.92
C GLY A 42 -11.13 4.18 28.25
N GLU A 43 -11.11 2.90 28.63
CA GLU A 43 -10.49 2.52 29.91
C GLU A 43 -9.00 2.79 29.91
N SER A 44 -8.32 2.53 28.79
CA SER A 44 -6.89 2.75 28.69
C SER A 44 -6.56 4.22 28.90
N GLY A 45 -5.52 4.49 29.70
CA GLY A 45 -5.13 5.85 29.99
C GLY A 45 -4.44 6.53 28.82
N LYS A 46 -5.11 6.59 27.67
CA LYS A 46 -4.52 7.21 26.49
C LYS A 46 -4.41 8.72 26.65
N SER A 47 -5.39 9.35 27.30
CA SER A 47 -5.37 10.80 27.46
C SER A 47 -4.20 11.25 28.33
N THR A 48 -3.92 10.51 29.40
CA THR A 48 -2.80 10.86 30.25
C THR A 48 -1.47 10.71 29.52
N ILE A 49 -1.35 9.68 28.69
CA ILE A 49 -0.14 9.50 27.88
C ILE A 49 0.02 10.66 26.90
N VAL A 50 -1.07 11.06 26.25
CA VAL A 50 -1.02 12.19 25.32
C VAL A 50 -0.59 13.46 26.05
N LYS A 51 -1.17 13.71 27.23
CA LYS A 51 -0.82 14.90 27.99
C LYS A 51 0.63 14.88 28.43
N GLN A 52 1.13 13.71 28.85
CA GLN A 52 2.53 13.61 29.26
C GLN A 52 3.47 13.86 28.10
N MET A 53 3.16 13.29 26.93
CA MET A 53 4.02 13.53 25.77
C MET A 53 3.95 14.96 25.25
N ARG A 54 2.79 15.61 25.38
CA ARG A 54 2.65 16.98 24.92
C ARG A 54 3.46 17.94 25.78
N THR A 197 -15.09 18.90 18.25
CA THR A 197 -15.69 17.94 17.34
C THR A 197 -14.98 17.94 15.99
N SER A 198 -13.69 17.60 16.00
CA SER A 198 -12.90 17.50 14.79
C SER A 198 -12.61 16.04 14.46
N GLY A 199 -12.23 15.81 13.20
CA GLY A 199 -11.96 14.45 12.76
C GLY A 199 -10.71 13.86 13.39
N ILE A 200 -9.63 14.65 13.48
CA ILE A 200 -8.32 14.17 13.93
C ILE A 200 -7.65 15.27 14.75
N PHE A 201 -6.86 14.85 15.74
CA PHE A 201 -5.97 15.74 16.48
C PHE A 201 -4.52 15.39 16.20
N GLU A 202 -3.64 16.39 16.33
CA GLU A 202 -2.21 16.22 16.11
C GLU A 202 -1.43 16.78 17.29
N THR A 203 -0.31 16.15 17.61
CA THR A 203 0.63 16.68 18.59
C THR A 203 2.06 16.47 18.08
N LYS A 204 2.96 17.34 18.52
CA LYS A 204 4.32 17.38 18.02
C LYS A 204 5.30 17.37 19.17
N PHE A 205 6.40 16.62 19.02
CA PHE A 205 7.47 16.72 20.00
C PHE A 205 8.81 16.51 19.32
N GLN A 206 9.87 16.91 20.00
CA GLN A 206 11.22 16.89 19.43
C GLN A 206 12.19 16.31 20.45
N VAL A 207 13.02 15.37 20.00
CA VAL A 207 13.97 14.66 20.85
C VAL A 207 15.29 14.60 20.12
N ASP A 208 16.34 15.15 20.74
CA ASP A 208 17.69 15.16 20.16
C ASP A 208 17.66 15.72 18.73
N LYS A 209 16.89 16.80 18.54
CA LYS A 209 16.76 17.49 17.26
C LYS A 209 16.10 16.64 16.19
N VAL A 210 15.36 15.60 16.59
CA VAL A 210 14.51 14.84 15.69
C VAL A 210 13.06 15.19 16.00
N ASN A 211 12.21 15.20 14.98
CA ASN A 211 10.83 15.63 15.12
C ASN A 211 9.87 14.47 14.92
N PHE A 212 8.89 14.35 15.82
CA PHE A 212 7.83 13.36 15.73
C PHE A 212 6.47 14.03 15.75
N HIS A 213 5.59 13.54 14.88
CA HIS A 213 4.19 13.94 14.82
C HIS A 213 3.33 12.75 15.17
N MET A 214 2.38 12.92 16.10
CA MET A 214 1.51 11.83 16.52
C MET A 214 0.06 12.24 16.34
N PHE A 215 -0.72 11.36 15.70
CA PHE A 215 -2.07 11.64 15.25
C PHE A 215 -3.07 10.77 16.01
N ASP A 216 -4.20 11.38 16.38
CA ASP A 216 -5.24 10.74 17.18
C ASP A 216 -6.58 10.90 16.50
N VAL A 217 -7.39 9.86 16.55
CA VAL A 217 -8.68 9.82 15.84
C VAL A 217 -9.78 10.33 16.76
N GLY A 218 -10.54 11.32 16.29
CA GLY A 218 -11.58 11.95 17.08
C GLY A 218 -12.99 11.52 16.75
N ALA A 219 -13.71 12.33 15.98
CA ALA A 219 -15.14 12.11 15.74
C ALA A 219 -15.35 11.21 14.52
N GLN A 220 -15.19 9.91 14.76
CA GLN A 220 -15.45 8.87 13.78
C GLN A 220 -16.44 7.87 14.35
N ARG A 221 -17.01 7.03 13.47
CA ARG A 221 -17.96 6.01 13.88
C ARG A 221 -17.25 4.75 14.36
N ASP A 222 -18.07 3.77 14.75
CA ASP A 222 -17.56 2.57 15.43
C ASP A 222 -16.80 1.65 14.48
N GLU A 223 -17.05 1.76 13.17
CA GLU A 223 -16.49 0.81 12.21
C GLU A 223 -15.24 1.38 11.56
N ARG A 224 -14.13 0.66 11.70
CA ARG A 224 -12.81 1.16 11.35
C ARG A 224 -12.25 0.60 10.05
N ARG A 225 -12.97 -0.27 9.36
CA ARG A 225 -12.36 -1.07 8.30
C ARG A 225 -12.06 -0.29 7.02
N LYS A 226 -12.51 0.95 6.90
CA LYS A 226 -12.27 1.73 5.68
C LYS A 226 -11.31 2.88 5.87
N TRP A 227 -11.41 3.64 6.96
CA TRP A 227 -10.48 4.77 7.13
C TRP A 227 -9.14 4.35 7.72
N ILE A 228 -8.97 3.07 8.06
CA ILE A 228 -7.69 2.61 8.58
C ILE A 228 -6.66 2.53 7.45
N GLN A 229 -7.11 2.27 6.22
CA GLN A 229 -6.23 2.09 5.08
C GLN A 229 -5.41 3.33 4.77
N CYS A 230 -5.79 4.48 5.30
CA CYS A 230 -5.03 5.71 5.12
C CYS A 230 -3.71 5.72 5.86
N PHE A 231 -3.44 4.75 6.74
CA PHE A 231 -2.27 4.80 7.61
C PHE A 231 -1.28 3.68 7.28
N ASN A 232 -1.01 3.45 6.01
CA ASN A 232 -0.16 2.33 5.62
C ASN A 232 1.30 2.69 5.46
N ASP A 233 1.69 3.94 5.67
CA ASP A 233 3.08 4.35 5.51
C ASP A 233 3.55 5.18 6.68
N VAL A 234 2.97 4.98 7.86
CA VAL A 234 3.46 5.61 9.08
C VAL A 234 4.69 4.84 9.52
N THR A 235 5.47 5.41 10.44
CA THR A 235 6.62 4.69 10.96
C THR A 235 6.21 3.61 11.96
N ALA A 236 5.18 3.88 12.76
CA ALA A 236 4.79 2.91 13.78
C ALA A 236 3.36 3.17 14.25
N ILE A 237 2.81 2.15 14.90
CA ILE A 237 1.53 2.24 15.60
C ILE A 237 1.78 2.01 17.07
N ILE A 238 1.31 2.92 17.91
CA ILE A 238 1.33 2.75 19.36
C ILE A 238 -0.03 2.22 19.79
N PHE A 239 -0.02 1.12 20.53
CA PHE A 239 -1.22 0.45 21.00
C PHE A 239 -1.22 0.51 22.52
N VAL A 240 -2.25 1.10 23.11
CA VAL A 240 -2.35 1.23 24.56
C VAL A 240 -3.42 0.27 25.06
N VAL A 241 -3.07 -0.54 26.06
CA VAL A 241 -3.97 -1.57 26.58
C VAL A 241 -4.07 -1.41 28.09
N ALA A 242 -5.30 -1.25 28.58
CA ALA A 242 -5.56 -1.25 30.02
C ALA A 242 -5.54 -2.68 30.54
N SER A 243 -4.45 -3.06 31.20
CA SER A 243 -4.27 -4.44 31.68
C SER A 243 -4.83 -4.63 33.08
N SER A 244 -6.12 -4.40 33.24
CA SER A 244 -6.78 -4.58 34.53
C SER A 244 -8.29 -4.70 34.35
N THR A 256 -17.64 -7.23 31.08
CA THR A 256 -17.25 -7.61 29.73
C THR A 256 -15.77 -8.01 29.70
N ASN A 257 -15.44 -9.02 28.92
CA ASN A 257 -14.05 -9.43 28.72
C ASN A 257 -13.42 -8.47 27.73
N ARG A 258 -12.70 -7.47 28.23
CA ARG A 258 -12.13 -6.43 27.40
C ARG A 258 -10.75 -6.80 26.84
N LEU A 259 -9.99 -7.61 27.57
CA LEU A 259 -8.71 -8.09 27.05
C LEU A 259 -8.92 -8.97 25.82
N GLN A 260 -9.98 -9.75 25.80
CA GLN A 260 -10.25 -10.60 24.64
C GLN A 260 -10.51 -9.77 23.39
N GLU A 261 -11.29 -8.69 23.51
CA GLU A 261 -11.55 -7.89 22.33
C GLU A 261 -10.37 -7.01 21.94
N ALA A 262 -9.55 -6.59 22.92
CA ALA A 262 -8.29 -5.93 22.61
C ALA A 262 -7.38 -6.85 21.80
N LEU A 263 -7.29 -8.11 22.22
CA LEU A 263 -6.48 -9.09 21.48
C LEU A 263 -7.03 -9.33 20.09
N ASN A 264 -8.36 -9.37 19.97
CA ASN A 264 -8.98 -9.55 18.65
C ASN A 264 -8.65 -8.39 17.72
N LEU A 265 -8.68 -7.16 18.23
CA LEU A 265 -8.31 -6.01 17.43
C LEU A 265 -6.84 -6.07 17.02
N PHE A 266 -5.96 -6.46 17.95
CA PHE A 266 -4.55 -6.64 17.61
C PHE A 266 -4.37 -7.67 16.50
N LYS A 267 -5.11 -8.78 16.55
CA LYS A 267 -4.99 -9.81 15.53
C LYS A 267 -5.47 -9.32 14.17
N SER A 268 -6.59 -8.60 14.14
CA SER A 268 -7.10 -8.06 12.88
C SER A 268 -6.12 -7.06 12.28
N ILE A 269 -5.49 -6.23 13.12
CA ILE A 269 -4.48 -5.29 12.62
C ILE A 269 -3.28 -6.03 12.08
N TRP A 270 -2.80 -7.06 12.81
CA TRP A 270 -1.61 -7.78 12.41
C TRP A 270 -1.78 -8.48 11.06
N ASN A 271 -2.94 -9.09 10.83
CA ASN A 271 -3.10 -9.94 9.65
C ASN A 271 -3.71 -9.22 8.45
N ASN A 272 -3.96 -7.92 8.54
CA ASN A 272 -4.59 -7.18 7.46
C ASN A 272 -3.58 -6.83 6.37
N ARG A 273 -4.01 -6.95 5.12
CA ARG A 273 -3.21 -6.53 3.99
C ARG A 273 -3.21 -5.00 3.91
N TRP A 274 -2.05 -4.43 3.55
CA TRP A 274 -1.71 -3.00 3.59
C TRP A 274 -1.39 -2.54 5.01
N LEU A 275 -1.24 -3.46 5.96
CA LEU A 275 -0.71 -3.16 7.28
C LEU A 275 0.30 -4.21 7.72
N ARG A 276 0.81 -5.01 6.78
CA ARG A 276 1.69 -6.14 7.06
C ARG A 276 3.16 -5.75 7.16
N THR A 277 3.50 -4.48 6.99
CA THR A 277 4.89 -4.05 7.06
C THR A 277 5.09 -2.96 8.11
N ILE A 278 4.14 -2.79 9.02
CA ILE A 278 4.18 -1.74 10.02
C ILE A 278 4.34 -2.37 11.39
N SER A 279 5.13 -1.74 12.24
CA SER A 279 5.47 -2.25 13.56
C SER A 279 4.63 -1.59 14.64
N VAL A 280 4.57 -2.25 15.80
CA VAL A 280 3.69 -1.88 16.89
C VAL A 280 4.52 -1.73 18.16
N ILE A 281 4.29 -0.64 18.88
CA ILE A 281 4.82 -0.42 20.21
C ILE A 281 3.66 -0.53 21.19
N LEU A 282 3.78 -1.45 22.14
CA LEU A 282 2.67 -1.84 23.01
C LEU A 282 2.91 -1.29 24.40
N PHE A 283 1.94 -0.51 24.92
CA PHE A 283 2.00 0.06 26.25
C PHE A 283 0.94 -0.62 27.11
N LEU A 284 1.39 -1.41 28.08
CA LEU A 284 0.50 -2.14 28.99
C LEU A 284 0.31 -1.27 30.24
N ASN A 285 -0.75 -0.46 30.21
CA ASN A 285 -0.95 0.60 31.18
C ASN A 285 -1.53 0.06 32.49
N LYS A 286 -1.52 0.93 33.50
CA LYS A 286 -2.21 0.71 34.78
C LYS A 286 -1.72 -0.55 35.49
N GLN A 287 -0.44 -0.52 35.88
CA GLN A 287 0.15 -1.65 36.59
C GLN A 287 -0.25 -1.67 38.06
N ASP A 288 -0.42 -0.50 38.69
CA ASP A 288 -0.76 -0.47 40.10
C ASP A 288 -2.14 -1.05 40.36
N LEU A 289 -3.08 -0.86 39.42
CA LEU A 289 -4.39 -1.48 39.57
C LEU A 289 -4.30 -2.99 39.60
N LEU A 290 -3.48 -3.57 38.72
CA LEU A 290 -3.28 -5.02 38.74
C LEU A 290 -2.61 -5.46 40.03
N ALA A 291 -1.60 -4.70 40.49
CA ALA A 291 -0.89 -5.08 41.71
C ALA A 291 -1.82 -5.04 42.93
N GLU A 292 -2.75 -4.10 42.94
CA GLU A 292 -3.73 -4.07 44.03
C GLU A 292 -4.80 -5.14 43.89
N LYS A 293 -5.22 -5.43 42.66
CA LYS A 293 -6.34 -6.34 42.44
C LYS A 293 -5.95 -7.80 42.69
N VAL A 294 -4.78 -8.24 42.22
CA VAL A 294 -4.42 -9.65 42.36
C VAL A 294 -4.06 -10.03 43.79
N LEU A 295 -3.86 -9.05 44.67
CA LEU A 295 -3.55 -9.33 46.06
C LEU A 295 -4.78 -9.31 46.97
N ALA A 296 -5.97 -9.15 46.40
CA ALA A 296 -7.21 -9.10 47.17
C ALA A 296 -8.18 -10.20 46.75
N GLY A 297 -7.65 -11.29 46.20
CA GLY A 297 -8.49 -12.41 45.81
C GLY A 297 -9.46 -12.14 44.68
N LYS A 298 -9.01 -11.46 43.63
CA LYS A 298 -9.81 -11.21 42.43
C LYS A 298 -9.09 -11.86 41.26
N SER A 299 -9.37 -13.15 41.03
CA SER A 299 -8.69 -13.92 39.99
C SER A 299 -9.54 -14.00 38.73
N LYS A 300 -9.74 -12.84 38.10
CA LYS A 300 -10.45 -12.80 36.82
C LYS A 300 -9.69 -13.52 35.73
N ILE A 301 -8.36 -13.59 35.83
CA ILE A 301 -7.59 -14.33 34.85
C ILE A 301 -7.90 -15.82 34.93
N GLU A 302 -8.17 -16.32 36.14
CA GLU A 302 -8.37 -17.76 36.31
C GLU A 302 -9.67 -18.23 35.67
N ASP A 303 -10.69 -17.37 35.58
CA ASP A 303 -11.97 -17.77 35.01
C ASP A 303 -12.24 -17.15 33.64
N TYR A 304 -11.41 -16.22 33.18
CA TYR A 304 -11.46 -15.78 31.79
C TYR A 304 -10.35 -16.37 30.93
N PHE A 305 -9.32 -16.97 31.55
CA PHE A 305 -8.21 -17.57 30.82
C PHE A 305 -7.78 -18.83 31.58
N PRO A 306 -8.34 -19.99 31.21
CA PRO A 306 -8.04 -21.21 31.99
C PRO A 306 -6.58 -21.60 32.01
N GLU A 307 -5.84 -21.38 30.92
CA GLU A 307 -4.45 -21.82 30.85
C GLU A 307 -3.55 -21.10 31.82
N PHE A 308 -4.02 -20.01 32.45
CA PHE A 308 -3.24 -19.39 33.51
C PHE A 308 -3.03 -20.32 34.68
N ALA A 309 -3.85 -21.37 34.81
CA ALA A 309 -3.62 -22.36 35.85
C ALA A 309 -2.40 -23.23 35.57
N ARG A 310 -1.80 -23.12 34.39
CA ARG A 310 -0.72 -24.01 33.96
C ARG A 310 0.48 -23.20 33.51
N TYR A 311 0.78 -22.09 34.19
CA TYR A 311 1.78 -21.15 33.74
C TYR A 311 2.76 -20.85 34.87
N THR A 312 4.05 -20.75 34.52
CA THR A 312 5.09 -20.39 35.47
C THR A 312 5.98 -19.30 34.87
N THR A 313 6.63 -18.55 35.74
CA THR A 313 7.40 -17.38 35.34
C THR A 313 8.50 -17.78 34.36
N PRO A 314 8.71 -17.00 33.29
CA PRO A 314 9.78 -17.32 32.34
C PRO A 314 11.16 -16.97 32.89
N GLU A 315 12.18 -17.53 32.24
CA GLU A 315 13.55 -17.37 32.72
C GLU A 315 14.06 -15.94 32.53
N ASP A 316 13.70 -15.30 31.43
CA ASP A 316 14.20 -13.96 31.13
C ASP A 316 13.45 -12.86 31.85
N ALA A 317 12.67 -13.21 32.89
CA ALA A 317 11.99 -12.19 33.68
C ALA A 317 12.99 -11.37 34.48
N THR A 318 12.73 -10.07 34.58
CA THR A 318 13.55 -9.15 35.36
C THR A 318 12.65 -8.43 36.34
N PRO A 319 12.26 -9.09 37.43
CA PRO A 319 11.36 -8.44 38.40
C PRO A 319 12.03 -7.26 39.07
N GLU A 320 11.21 -6.24 39.34
CA GLU A 320 11.70 -5.11 40.11
C GLU A 320 11.88 -5.50 41.57
N PRO A 321 12.83 -4.88 42.27
CA PRO A 321 13.01 -5.20 43.69
C PRO A 321 11.77 -4.87 44.49
N GLY A 322 11.49 -5.71 45.49
CA GLY A 322 10.31 -5.53 46.31
C GLY A 322 9.01 -5.70 45.56
N GLU A 323 8.93 -6.70 44.67
CA GLU A 323 7.74 -6.95 43.87
C GLU A 323 7.37 -8.42 43.99
N ASP A 324 6.09 -8.67 44.29
CA ASP A 324 5.63 -10.02 44.57
C ASP A 324 5.69 -10.89 43.31
N PRO A 325 5.87 -12.20 43.47
CA PRO A 325 5.83 -13.09 42.30
C PRO A 325 4.49 -13.13 41.57
N ARG A 326 3.38 -12.94 42.28
CA ARG A 326 2.06 -13.11 41.65
C ARG A 326 1.81 -12.02 40.60
N VAL A 327 2.14 -10.78 40.92
CA VAL A 327 2.01 -9.71 39.93
C VAL A 327 2.94 -9.96 38.76
N THR A 328 4.11 -10.54 39.01
CA THR A 328 5.04 -10.86 37.94
C THR A 328 4.44 -11.90 36.99
N ARG A 329 3.84 -12.95 37.54
CA ARG A 329 3.19 -13.95 36.70
C ARG A 329 2.05 -13.35 35.90
N ALA A 330 1.25 -12.49 36.53
CA ALA A 330 0.15 -11.85 35.81
C ALA A 330 0.67 -11.02 34.64
N LYS A 331 1.68 -10.18 34.90
CA LYS A 331 2.23 -9.31 33.87
C LYS A 331 2.77 -10.13 32.70
N TYR A 332 3.59 -11.14 33.00
CA TYR A 332 4.23 -11.87 31.92
C TYR A 332 3.25 -12.78 31.18
N PHE A 333 2.19 -13.23 31.85
CA PHE A 333 1.13 -13.96 31.15
C PHE A 333 0.43 -13.05 30.14
N ILE A 334 0.04 -11.85 30.58
CA ILE A 334 -0.64 -10.94 29.67
C ILE A 334 0.26 -10.52 28.52
N ARG A 335 1.57 -10.41 28.77
CA ARG A 335 2.49 -10.06 27.70
C ARG A 335 2.65 -11.21 26.70
N ASP A 336 2.84 -12.44 27.21
CA ASP A 336 2.98 -13.59 26.33
C ASP A 336 1.72 -13.81 25.50
N GLU A 337 0.57 -13.37 25.99
CA GLU A 337 -0.65 -13.46 25.17
C GLU A 337 -0.50 -12.69 23.87
N PHE A 338 0.08 -11.49 23.92
CA PHE A 338 0.29 -10.72 22.70
C PHE A 338 1.43 -11.26 21.87
N LEU A 339 2.51 -11.73 22.51
CA LEU A 339 3.63 -12.27 21.73
C LEU A 339 3.26 -13.56 21.01
N ARG A 340 2.31 -14.34 21.53
CA ARG A 340 1.88 -15.54 20.81
C ARG A 340 1.27 -15.19 19.45
N ILE A 341 0.45 -14.13 19.40
CA ILE A 341 -0.08 -13.66 18.12
C ILE A 341 1.03 -13.05 17.28
N SER A 342 1.92 -12.28 17.90
CA SER A 342 2.92 -11.53 17.15
C SER A 342 3.90 -12.45 16.42
N THR A 343 4.35 -13.51 17.07
CA THR A 343 5.37 -14.40 16.51
C THR A 343 4.76 -15.61 15.81
N ALA A 344 3.52 -15.52 15.34
CA ALA A 344 2.83 -16.67 14.76
C ALA A 344 2.78 -16.49 13.25
N SER A 345 2.22 -15.41 12.73
CA SER A 345 1.95 -15.29 11.29
C SER A 345 2.66 -14.07 10.71
N GLY A 346 3.86 -13.82 11.20
CA GLY A 346 4.66 -12.72 10.67
C GLY A 346 5.25 -13.06 9.32
N ASP A 347 6.20 -12.25 8.85
CA ASP A 347 6.89 -12.55 7.61
C ASP A 347 8.39 -12.36 7.77
N GLY A 348 8.78 -11.59 8.78
CA GLY A 348 10.15 -11.15 8.92
C GLY A 348 10.27 -9.67 8.61
N ARG A 349 9.14 -9.02 8.36
CA ARG A 349 9.10 -7.64 7.91
C ARG A 349 8.55 -6.67 8.95
N HIS A 350 8.04 -7.15 10.08
CA HIS A 350 7.61 -6.25 11.15
C HIS A 350 7.63 -7.01 12.46
N TYR A 351 7.81 -6.27 13.56
CA TYR A 351 8.00 -6.84 14.88
C TYR A 351 7.14 -6.08 15.89
N CYS A 352 7.24 -6.48 17.15
CA CYS A 352 6.47 -5.88 18.23
C CYS A 352 7.40 -5.52 19.39
N TYR A 353 7.16 -4.38 20.03
CA TYR A 353 8.02 -3.86 21.09
C TYR A 353 7.16 -3.58 22.33
N PRO A 354 7.10 -4.51 23.28
CA PRO A 354 6.27 -4.30 24.47
C PRO A 354 6.99 -3.67 25.65
N HIS A 355 6.26 -2.82 26.37
CA HIS A 355 6.76 -2.12 27.55
C HIS A 355 5.70 -2.16 28.64
N PHE A 356 6.14 -2.19 29.90
CA PHE A 356 5.24 -2.03 31.04
C PHE A 356 5.21 -0.55 31.44
N THR A 357 4.03 0.05 31.42
CA THR A 357 3.87 1.48 31.68
C THR A 357 3.01 1.68 32.92
N CYS A 358 3.40 2.64 33.74
CA CYS A 358 2.58 3.06 34.88
C CYS A 358 1.55 4.09 34.39
N SER A 359 0.82 4.70 35.32
CA SER A 359 -0.21 5.64 34.95
C SER A 359 0.38 6.94 34.40
N VAL A 360 1.17 7.64 35.22
CA VAL A 360 1.84 8.87 34.83
C VAL A 360 3.33 8.63 34.95
N ASP A 361 4.03 8.66 33.81
CA ASP A 361 5.45 8.34 33.74
C ASP A 361 6.18 9.43 32.96
N THR A 362 7.50 9.39 33.00
CA THR A 362 8.32 10.44 32.40
C THR A 362 9.38 9.91 31.44
N GLU A 363 9.27 8.65 30.99
CA GLU A 363 10.31 8.04 30.17
C GLU A 363 9.79 7.44 28.87
N ASN A 364 8.51 7.63 28.54
CA ASN A 364 7.97 7.01 27.32
C ASN A 364 8.56 7.62 26.06
N ILE A 365 9.06 8.86 26.14
CA ILE A 365 9.62 9.53 24.98
C ILE A 365 10.90 8.85 24.52
N ARG A 366 11.78 8.51 25.46
CA ARG A 366 12.97 7.73 25.11
C ARG A 366 12.60 6.38 24.52
N ARG A 367 11.54 5.75 25.04
CA ARG A 367 11.12 4.46 24.51
C ARG A 367 10.69 4.58 23.06
N VAL A 368 9.90 5.61 22.73
CA VAL A 368 9.48 5.81 21.34
C VAL A 368 10.70 6.07 20.45
N PHE A 369 11.62 6.92 20.92
CA PHE A 369 12.84 7.22 20.19
C PHE A 369 13.62 5.94 19.86
N ASN A 370 13.86 5.11 20.88
CA ASN A 370 14.68 3.92 20.71
C ASN A 370 13.99 2.88 19.82
N ASP A 371 12.68 2.70 19.97
CA ASP A 371 11.98 1.74 19.13
C ASP A 371 12.00 2.15 17.67
N CYS A 372 11.81 3.45 17.37
CA CYS A 372 11.86 3.89 15.98
C CYS A 372 13.26 3.72 15.39
N ARG A 373 14.30 4.03 16.18
CA ARG A 373 15.67 3.82 15.70
C ARG A 373 15.93 2.35 15.39
N ASP A 374 15.49 1.45 16.28
CA ASP A 374 15.67 0.03 16.03
C ASP A 374 14.90 -0.43 14.79
N ILE A 375 13.70 0.13 14.58
CA ILE A 375 12.90 -0.25 13.42
C ILE A 375 13.64 0.10 12.13
N ILE A 376 14.19 1.30 12.06
CA ILE A 376 14.86 1.70 10.82
C ILE A 376 16.17 0.92 10.62
N GLN A 377 16.90 0.68 11.70
CA GLN A 377 18.12 -0.12 11.59
C GLN A 377 17.83 -1.53 11.08
N ARG A 378 16.76 -2.15 11.59
CA ARG A 378 16.41 -3.49 11.15
C ARG A 378 15.98 -3.51 9.70
N MET A 379 15.22 -2.51 9.25
CA MET A 379 14.85 -2.45 7.83
C MET A 379 16.11 -2.37 6.95
N HIS A 380 17.04 -1.47 7.31
CA HIS A 380 18.27 -1.35 6.54
C HIS A 380 19.06 -2.66 6.52
N LEU A 381 19.23 -3.29 7.69
CA LEU A 381 19.97 -4.54 7.76
C LEU A 381 19.30 -5.63 6.94
N ARG A 382 17.97 -5.59 6.81
CA ARG A 382 17.31 -6.56 5.95
C ARG A 382 17.59 -6.30 4.48
N GLN A 383 17.77 -5.03 4.09
CA GLN A 383 18.13 -4.76 2.69
C GLN A 383 19.48 -5.37 2.31
N TYR A 384 20.49 -5.24 3.17
CA TYR A 384 21.85 -5.67 2.84
C TYR A 384 22.06 -7.16 2.98
N GLU A 385 21.00 -7.96 3.13
CA GLU A 385 21.10 -9.42 3.25
C GLU A 385 21.92 -9.84 4.46
N LEU A 386 21.97 -9.01 5.50
CA LEU A 386 22.74 -9.31 6.70
C LEU A 386 21.85 -9.73 7.87
N LEU A 387 20.55 -9.90 7.64
CA LEU A 387 19.64 -10.29 8.70
C LEU A 387 18.41 -10.98 8.09
N GLU B 8 -44.28 -4.19 19.18
CA GLU B 8 -45.01 -4.69 18.03
C GLU B 8 -44.05 -4.95 16.87
N LEU B 9 -42.88 -5.49 17.19
CA LEU B 9 -41.88 -5.77 16.16
C LEU B 9 -42.29 -6.91 15.24
N ASP B 10 -42.99 -7.91 15.78
CA ASP B 10 -43.32 -9.10 14.99
C ASP B 10 -44.23 -8.75 13.81
N GLN B 11 -45.28 -7.98 14.07
CA GLN B 11 -46.23 -7.65 13.01
C GLN B 11 -45.57 -6.83 11.91
N LEU B 12 -44.76 -5.84 12.30
CA LEU B 12 -44.10 -5.00 11.30
C LEU B 12 -43.07 -5.80 10.50
N ARG B 13 -42.35 -6.71 11.16
CA ARG B 13 -41.41 -7.57 10.44
C ARG B 13 -42.15 -8.47 9.45
N GLN B 14 -43.28 -9.04 9.86
CA GLN B 14 -44.05 -9.88 8.96
C GLN B 14 -44.58 -9.08 7.77
N GLU B 15 -45.05 -7.85 8.01
CA GLU B 15 -45.52 -7.01 6.92
C GLU B 15 -44.38 -6.65 5.97
N ALA B 16 -43.19 -6.38 6.51
CA ALA B 16 -42.03 -6.11 5.66
C ALA B 16 -41.70 -7.32 4.81
N GLU B 17 -41.76 -8.52 5.40
CA GLU B 17 -41.51 -9.74 4.64
C GLU B 17 -42.52 -9.91 3.51
N GLN B 18 -43.80 -9.65 3.80
CA GLN B 18 -44.83 -9.78 2.77
C GLN B 18 -44.63 -8.77 1.65
N LEU B 19 -44.28 -7.53 2.00
CA LEU B 19 -44.03 -6.51 0.98
C LEU B 19 -42.83 -6.87 0.12
N LYS B 20 -41.77 -7.41 0.74
CA LYS B 20 -40.61 -7.86 -0.03
C LYS B 20 -40.98 -9.00 -0.96
N ASN B 21 -41.82 -9.93 -0.50
CA ASN B 21 -42.26 -11.02 -1.37
C ASN B 21 -43.05 -10.50 -2.55
N GLN B 22 -43.96 -9.54 -2.30
CA GLN B 22 -44.72 -8.95 -3.40
C GLN B 22 -43.81 -8.26 -4.41
N ILE B 23 -42.83 -7.51 -3.91
CA ILE B 23 -41.88 -6.84 -4.81
C ILE B 23 -41.12 -7.85 -5.65
N ARG B 24 -40.66 -8.93 -5.01
CA ARG B 24 -39.89 -9.94 -5.73
C ARG B 24 -40.73 -10.62 -6.80
N ASP B 25 -42.00 -10.93 -6.50
CA ASP B 25 -42.87 -11.53 -7.51
C ASP B 25 -43.14 -10.56 -8.65
N ALA B 26 -43.41 -9.29 -8.35
CA ALA B 26 -43.66 -8.33 -9.40
C ALA B 26 -42.44 -8.11 -10.28
N ARG B 27 -41.24 -8.23 -9.70
CA ARG B 27 -40.03 -8.14 -10.52
C ARG B 27 -39.84 -9.38 -11.38
N LYS B 28 -40.04 -10.57 -10.81
CA LYS B 28 -39.85 -11.80 -11.56
C LYS B 28 -40.88 -11.97 -12.66
N ALA B 29 -42.03 -11.31 -12.56
CA ALA B 29 -43.04 -11.40 -13.61
C ALA B 29 -42.62 -10.70 -14.91
N CYS B 30 -41.55 -9.91 -14.90
CA CYS B 30 -41.17 -9.12 -16.06
C CYS B 30 -39.99 -9.69 -16.83
N ALA B 31 -39.15 -10.52 -16.21
CA ALA B 31 -37.92 -11.00 -16.85
C ALA B 31 -38.28 -12.09 -17.86
N ASP B 32 -38.78 -11.66 -19.02
CA ASP B 32 -39.11 -12.60 -20.08
C ASP B 32 -37.86 -13.13 -20.78
N ALA B 33 -36.90 -12.25 -21.08
CA ALA B 33 -35.68 -12.62 -21.77
C ALA B 33 -34.48 -12.04 -21.04
N THR B 34 -33.29 -12.44 -21.49
CA THR B 34 -32.03 -11.96 -20.93
C THR B 34 -31.27 -11.16 -21.97
N LEU B 35 -30.41 -10.26 -21.48
CA LEU B 35 -29.66 -9.39 -22.38
C LEU B 35 -28.72 -10.19 -23.27
N SER B 36 -28.02 -11.18 -22.72
CA SER B 36 -27.02 -11.90 -23.48
C SER B 36 -27.62 -12.76 -24.58
N GLN B 37 -28.93 -12.98 -24.56
CA GLN B 37 -29.57 -13.72 -25.64
C GLN B 37 -29.90 -12.81 -26.82
N ILE B 38 -30.32 -11.58 -26.55
CA ILE B 38 -30.70 -10.65 -27.60
C ILE B 38 -29.46 -10.12 -28.33
N THR B 39 -28.29 -10.22 -27.73
CA THR B 39 -27.05 -9.75 -28.32
C THR B 39 -26.14 -10.90 -28.73
N ASN B 40 -26.74 -11.96 -29.27
CA ASN B 40 -25.99 -13.14 -29.70
C ASN B 40 -25.60 -13.12 -31.17
N ASN B 41 -26.21 -12.24 -31.97
CA ASN B 41 -25.85 -12.08 -33.38
C ASN B 41 -25.07 -10.79 -33.63
N ILE B 42 -24.27 -10.37 -32.66
CA ILE B 42 -23.51 -9.13 -32.74
C ILE B 42 -22.03 -9.47 -32.88
N ASP B 43 -21.36 -8.78 -33.80
CA ASP B 43 -19.94 -9.00 -34.00
C ASP B 43 -19.15 -8.52 -32.79
N PRO B 44 -18.16 -9.29 -32.33
CA PRO B 44 -17.31 -8.82 -31.24
C PRO B 44 -16.46 -7.64 -31.67
N VAL B 45 -16.05 -6.84 -30.67
CA VAL B 45 -15.30 -5.62 -30.97
C VAL B 45 -13.91 -5.97 -31.50
N GLY B 46 -13.27 -7.01 -30.96
CA GLY B 46 -11.96 -7.44 -31.39
C GLY B 46 -10.95 -7.38 -30.25
N ARG B 47 -9.76 -6.88 -30.57
CA ARG B 47 -8.69 -6.71 -29.60
C ARG B 47 -8.35 -5.23 -29.49
N ILE B 48 -8.32 -4.73 -28.26
CA ILE B 48 -8.08 -3.31 -27.99
C ILE B 48 -6.66 -3.16 -27.47
N GLN B 49 -5.79 -2.54 -28.27
CA GLN B 49 -4.44 -2.17 -27.85
C GLN B 49 -4.40 -0.68 -27.59
N MET B 50 -3.85 -0.30 -26.44
CA MET B 50 -3.71 1.10 -26.08
C MET B 50 -2.32 1.32 -25.48
N ARG B 51 -1.77 2.51 -25.70
CA ARG B 51 -0.40 2.79 -25.34
C ARG B 51 -0.32 4.09 -24.54
N THR B 52 0.70 4.16 -23.70
CA THR B 52 0.92 5.34 -22.85
C THR B 52 1.56 6.45 -23.67
N ARG B 53 0.99 7.65 -23.57
CA ARG B 53 1.52 8.83 -24.23
C ARG B 53 2.27 9.76 -23.29
N ARG B 54 1.83 9.87 -22.04
CA ARG B 54 2.42 10.79 -21.09
C ARG B 54 2.58 10.10 -19.74
N THR B 55 3.49 10.65 -18.93
CA THR B 55 3.62 10.27 -17.54
C THR B 55 3.85 11.54 -16.74
N LEU B 56 3.03 11.75 -15.71
CA LEU B 56 3.03 12.99 -14.95
C LEU B 56 3.72 12.76 -13.61
N ARG B 57 4.75 13.55 -13.32
CA ARG B 57 5.59 13.39 -12.15
C ARG B 57 5.59 14.66 -11.31
N GLY B 58 5.80 14.49 -10.00
CA GLY B 58 5.82 15.63 -9.10
C GLY B 58 5.23 15.40 -7.73
N HIS B 59 4.31 14.45 -7.59
CA HIS B 59 3.79 14.09 -6.28
C HIS B 59 4.82 13.23 -5.54
N LEU B 60 4.78 13.30 -4.21
CA LEU B 60 5.72 12.58 -3.38
C LEU B 60 5.10 11.50 -2.51
N ALA B 61 3.78 11.42 -2.45
CA ALA B 61 3.09 10.32 -1.77
C ALA B 61 2.07 9.72 -2.73
N LYS B 62 1.24 8.81 -2.26
CA LYS B 62 0.28 8.17 -3.14
C LYS B 62 -0.79 9.15 -3.59
N ILE B 63 -1.09 9.12 -4.89
CA ILE B 63 -2.18 9.92 -5.46
C ILE B 63 -3.48 9.19 -5.16
N TYR B 64 -4.53 9.93 -4.78
CA TYR B 64 -5.67 9.21 -4.27
C TYR B 64 -6.97 9.53 -5.00
N ALA B 65 -7.01 10.55 -5.85
CA ALA B 65 -8.19 10.93 -6.62
C ALA B 65 -7.80 11.87 -7.74
N MET B 66 -8.58 11.86 -8.82
CA MET B 66 -8.41 12.79 -9.94
C MET B 66 -9.77 13.12 -10.55
N HIS B 67 -9.75 14.06 -11.51
CA HIS B 67 -10.96 14.52 -12.18
C HIS B 67 -10.57 15.38 -13.38
N TRP B 68 -11.25 15.16 -14.51
CA TRP B 68 -11.01 15.93 -15.73
C TRP B 68 -11.85 17.19 -15.78
N GLY B 69 -11.35 18.18 -16.52
CA GLY B 69 -12.13 19.36 -16.84
C GLY B 69 -12.96 19.18 -18.10
N THR B 70 -13.92 20.08 -18.29
CA THR B 70 -14.85 19.96 -19.40
C THR B 70 -14.27 20.42 -20.73
N ASP B 71 -13.09 21.03 -20.73
CA ASP B 71 -12.40 21.37 -21.97
C ASP B 71 -11.52 20.24 -22.47
N SER B 72 -11.34 19.18 -21.68
CA SER B 72 -10.63 17.98 -22.06
C SER B 72 -9.13 18.21 -22.25
N ARG B 73 -8.58 19.20 -21.56
CA ARG B 73 -7.15 19.45 -21.60
C ARG B 73 -6.52 19.54 -20.22
N LEU B 74 -7.21 20.14 -19.25
CA LEU B 74 -6.69 20.36 -17.92
C LEU B 74 -7.29 19.36 -16.94
N LEU B 75 -6.50 18.98 -15.94
CA LEU B 75 -7.02 18.08 -14.92
C LEU B 75 -6.44 18.43 -13.55
N VAL B 76 -7.11 17.96 -12.50
CA VAL B 76 -6.71 18.20 -11.13
C VAL B 76 -6.44 16.87 -10.44
N SER B 77 -5.51 16.88 -9.48
CA SER B 77 -5.19 15.67 -8.73
C SER B 77 -4.82 16.01 -7.30
N ALA B 78 -5.00 15.04 -6.42
CA ALA B 78 -4.84 15.21 -4.98
C ALA B 78 -3.97 14.10 -4.42
N SER B 79 -3.01 14.47 -3.57
CA SER B 79 -2.11 13.49 -2.98
C SER B 79 -2.11 13.61 -1.46
N GLN B 80 -1.50 12.61 -0.82
CA GLN B 80 -1.45 12.53 0.63
C GLN B 80 -0.26 13.26 1.24
N ASP B 81 0.52 13.96 0.44
CA ASP B 81 1.55 14.87 0.96
C ASP B 81 1.01 16.26 1.21
N GLY B 82 -0.30 16.44 1.09
CA GLY B 82 -0.91 17.73 1.31
C GLY B 82 -0.94 18.64 0.10
N LYS B 83 -0.92 18.08 -1.11
CA LYS B 83 -0.82 18.88 -2.32
C LYS B 83 -1.98 18.60 -3.26
N LEU B 84 -2.40 19.66 -3.95
CA LEU B 84 -3.42 19.61 -4.98
C LEU B 84 -2.85 20.27 -6.23
N ILE B 85 -2.62 19.48 -7.29
CA ILE B 85 -1.91 19.99 -8.46
C ILE B 85 -2.86 20.03 -9.65
N ILE B 86 -2.77 21.12 -10.42
CA ILE B 86 -3.53 21.29 -11.66
C ILE B 86 -2.55 21.22 -12.82
N TRP B 87 -2.83 20.28 -13.73
CA TRP B 87 -1.97 19.82 -14.81
C TRP B 87 -2.54 20.20 -16.17
N ASP B 88 -1.64 20.51 -17.10
CA ASP B 88 -1.95 20.59 -18.51
C ASP B 88 -1.46 19.32 -19.19
N SER B 89 -2.34 18.64 -19.93
CA SER B 89 -2.07 17.28 -20.35
C SER B 89 -1.41 17.18 -21.72
N TYR B 90 -1.62 18.16 -22.61
CA TYR B 90 -0.96 18.12 -23.90
C TYR B 90 0.54 18.34 -23.78
N THR B 91 0.96 19.11 -22.78
CA THR B 91 2.33 19.56 -22.65
C THR B 91 3.06 19.00 -21.43
N THR B 92 2.32 18.66 -20.36
CA THR B 92 2.80 18.22 -19.05
C THR B 92 3.33 19.37 -18.19
N ASN B 93 2.96 20.61 -18.51
CA ASN B 93 3.31 21.74 -17.67
C ASN B 93 2.41 21.80 -16.43
N LYS B 94 3.00 22.14 -15.29
CA LYS B 94 2.25 22.34 -14.07
C LYS B 94 1.65 23.74 -14.07
N VAL B 95 0.33 23.83 -14.09
CA VAL B 95 -0.33 25.13 -14.08
C VAL B 95 -0.53 25.63 -12.65
N HIS B 96 -0.94 24.76 -11.72
CA HIS B 96 -1.14 25.20 -10.34
C HIS B 96 -0.66 24.15 -9.36
N ALA B 97 -0.29 24.60 -8.16
CA ALA B 97 0.02 23.72 -7.04
C ALA B 97 -0.45 24.40 -5.76
N ILE B 98 -1.40 23.77 -5.06
CA ILE B 98 -2.08 24.38 -3.93
C ILE B 98 -1.76 23.55 -2.68
N PRO B 99 -1.26 24.18 -1.60
CA PRO B 99 -1.00 23.45 -0.35
C PRO B 99 -2.21 23.38 0.56
N LEU B 100 -2.59 22.17 0.98
CA LEU B 100 -3.76 21.97 1.79
C LEU B 100 -3.45 22.15 3.27
N ARG B 101 -4.49 22.44 4.05
CA ARG B 101 -4.36 22.62 5.49
C ARG B 101 -4.32 21.28 6.22
N SER B 102 -4.76 20.19 5.57
CA SER B 102 -4.77 18.87 6.18
C SER B 102 -4.21 17.87 5.18
N SER B 103 -3.58 16.82 5.70
CA SER B 103 -2.86 15.87 4.87
C SER B 103 -3.73 14.75 4.32
N TRP B 104 -4.79 14.37 5.03
CA TRP B 104 -5.58 13.19 4.64
C TRP B 104 -6.79 13.60 3.83
N VAL B 105 -6.52 13.98 2.59
CA VAL B 105 -7.56 14.25 1.61
C VAL B 105 -7.98 12.95 0.95
N MET B 106 -9.27 12.83 0.60
CA MET B 106 -9.77 11.63 -0.05
C MET B 106 -10.62 11.90 -1.28
N THR B 107 -10.84 13.16 -1.66
CA THR B 107 -11.64 13.44 -2.85
C THR B 107 -11.31 14.83 -3.36
N CYS B 108 -11.58 15.05 -4.64
CA CYS B 108 -11.47 16.36 -5.25
C CYS B 108 -12.45 16.44 -6.41
N ALA B 109 -12.79 17.68 -6.78
CA ALA B 109 -13.72 17.91 -7.88
C ALA B 109 -13.31 19.18 -8.60
N TYR B 110 -13.73 19.30 -9.85
CA TYR B 110 -13.36 20.44 -10.66
C TYR B 110 -14.63 21.02 -11.25
N ALA B 111 -14.85 22.31 -11.07
CA ALA B 111 -16.13 22.91 -11.42
C ALA B 111 -16.38 22.83 -12.92
N PRO B 112 -17.62 22.63 -13.36
CA PRO B 112 -17.91 22.59 -14.81
C PRO B 112 -17.68 23.91 -15.52
N SER B 113 -17.38 24.99 -14.80
CA SER B 113 -17.09 26.28 -15.41
C SER B 113 -15.61 26.61 -15.47
N GLY B 114 -14.81 26.00 -14.59
CA GLY B 114 -13.38 26.21 -14.59
C GLY B 114 -12.86 27.24 -13.62
N ASN B 115 -13.70 27.71 -12.70
CA ASN B 115 -13.33 28.78 -11.79
C ASN B 115 -13.08 28.34 -10.36
N TYR B 116 -13.56 27.17 -9.95
CA TYR B 116 -13.44 26.71 -8.57
C TYR B 116 -12.95 25.27 -8.54
N VAL B 117 -12.38 24.89 -7.39
CA VAL B 117 -12.10 23.49 -7.09
C VAL B 117 -12.53 23.22 -5.65
N ALA B 118 -12.60 21.94 -5.30
CA ALA B 118 -13.04 21.53 -3.97
C ALA B 118 -12.30 20.28 -3.54
N CYS B 119 -12.26 20.05 -2.24
CA CYS B 119 -11.61 18.86 -1.70
C CYS B 119 -12.10 18.61 -0.27
N GLY B 120 -11.82 17.41 0.23
CA GLY B 120 -12.20 17.05 1.58
C GLY B 120 -11.60 15.72 1.96
N GLY B 121 -11.73 15.38 3.24
CA GLY B 121 -11.13 14.15 3.74
C GLY B 121 -11.48 13.77 5.16
N LEU B 122 -10.49 13.34 5.93
CA LEU B 122 -10.66 12.85 7.30
C LEU B 122 -10.84 13.95 8.32
N ASP B 123 -10.99 15.20 7.91
CA ASP B 123 -11.20 16.30 8.85
C ASP B 123 -12.65 16.77 8.89
N ASN B 124 -13.55 16.09 8.17
CA ASN B 124 -14.99 16.30 8.20
C ASN B 124 -15.42 17.62 7.57
N ILE B 125 -14.55 18.25 6.77
CA ILE B 125 -14.81 19.55 6.20
C ILE B 125 -14.72 19.45 4.68
N CYS B 126 -15.47 20.30 3.99
CA CYS B 126 -15.33 20.45 2.54
C CYS B 126 -14.80 21.86 2.25
N SER B 127 -13.66 21.94 1.58
CA SER B 127 -13.00 23.21 1.31
C SER B 127 -13.11 23.54 -0.17
N ILE B 128 -13.38 24.82 -0.46
CA ILE B 128 -13.65 25.30 -1.80
C ILE B 128 -12.71 26.46 -2.10
N TYR B 129 -11.95 26.33 -3.19
CA TYR B 129 -10.90 27.26 -3.58
C TYR B 129 -11.27 27.99 -4.87
N ASN B 130 -11.01 29.30 -4.88
CA ASN B 130 -11.30 30.16 -6.03
C ASN B 130 -10.05 30.29 -6.89
N LEU B 131 -10.20 30.01 -8.18
CA LEU B 131 -9.08 30.01 -9.12
C LEU B 131 -8.94 31.31 -9.89
N LYS B 132 -10.00 32.10 -10.05
CA LYS B 132 -9.91 33.32 -10.85
C LYS B 132 -8.90 34.29 -10.29
N THR B 133 -9.01 34.63 -9.00
CA THR B 133 -7.91 35.21 -8.23
C THR B 133 -7.36 36.47 -8.89
N ARG B 134 -8.19 37.51 -8.89
CA ARG B 134 -7.83 38.81 -9.45
C ARG B 134 -6.41 39.22 -9.07
N GLU B 135 -5.99 38.93 -7.84
CA GLU B 135 -4.63 39.21 -7.38
C GLU B 135 -3.64 38.11 -7.76
N GLY B 136 -4.10 37.05 -8.45
CA GLY B 136 -3.21 36.00 -8.89
C GLY B 136 -2.84 34.96 -7.87
N ASN B 137 -3.52 34.92 -6.73
CA ASN B 137 -3.21 33.98 -5.66
C ASN B 137 -4.42 33.12 -5.35
N VAL B 138 -4.23 31.80 -5.34
CA VAL B 138 -5.31 30.89 -4.98
C VAL B 138 -5.46 30.87 -3.46
N ARG B 139 -6.67 31.15 -2.98
CA ARG B 139 -6.93 31.22 -1.56
C ARG B 139 -8.25 30.52 -1.26
N VAL B 140 -8.39 30.06 -0.01
CA VAL B 140 -9.58 29.35 0.40
C VAL B 140 -10.78 30.29 0.33
N SER B 141 -11.82 29.87 -0.38
CA SER B 141 -13.02 30.69 -0.51
C SER B 141 -14.15 30.25 0.41
N ARG B 142 -14.25 28.96 0.73
CA ARG B 142 -15.34 28.49 1.58
C ARG B 142 -14.96 27.22 2.32
N GLU B 143 -15.62 27.00 3.46
CA GLU B 143 -15.47 25.79 4.26
C GLU B 143 -16.84 25.36 4.77
N LEU B 144 -17.25 24.14 4.41
CA LEU B 144 -18.52 23.57 4.83
C LEU B 144 -18.27 22.55 5.94
N ALA B 145 -18.98 22.71 7.06
CA ALA B 145 -18.60 22.10 8.33
C ALA B 145 -19.80 21.46 9.04
N GLY B 146 -20.55 20.62 8.33
CA GLY B 146 -21.75 20.05 8.93
C GLY B 146 -21.79 18.54 9.10
N HIS B 147 -21.04 17.80 8.30
CA HIS B 147 -21.06 16.34 8.39
C HIS B 147 -20.41 15.88 9.70
N THR B 148 -20.72 14.65 10.09
CA THR B 148 -20.23 14.06 11.34
C THR B 148 -19.35 12.84 11.08
N GLY B 149 -18.90 12.65 9.84
CA GLY B 149 -18.01 11.57 9.49
C GLY B 149 -17.28 11.96 8.22
N TYR B 150 -16.22 11.21 7.93
CA TYR B 150 -15.28 11.64 6.90
C TYR B 150 -15.97 11.83 5.55
N LEU B 151 -15.43 12.75 4.75
CA LEU B 151 -16.02 13.09 3.47
C LEU B 151 -15.52 12.10 2.42
N SER B 152 -16.44 11.54 1.64
CA SER B 152 -16.11 10.46 0.71
C SER B 152 -16.10 10.89 -0.75
N CYS B 153 -17.02 11.75 -1.16
CA CYS B 153 -17.12 12.18 -2.55
C CYS B 153 -17.84 13.52 -2.60
N CYS B 154 -17.74 14.19 -3.74
CA CYS B 154 -18.39 15.49 -3.92
C CYS B 154 -18.37 15.83 -5.41
N ARG B 155 -19.44 16.47 -5.87
CA ARG B 155 -19.59 16.85 -7.28
C ARG B 155 -20.36 18.14 -7.40
N PHE B 156 -19.81 19.10 -8.15
CA PHE B 156 -20.48 20.37 -8.40
C PHE B 156 -21.72 20.17 -9.27
N LEU B 157 -22.81 20.83 -8.90
CA LEU B 157 -23.96 20.97 -9.80
C LEU B 157 -23.84 22.23 -10.64
N ASP B 158 -23.55 23.36 -9.98
CA ASP B 158 -23.22 24.60 -10.65
C ASP B 158 -22.26 25.36 -9.74
N ASP B 159 -22.10 26.66 -9.97
CA ASP B 159 -21.17 27.45 -9.19
C ASP B 159 -21.65 27.68 -7.76
N ASN B 160 -22.90 27.39 -7.43
CA ASN B 160 -23.45 27.76 -6.13
C ASN B 160 -24.11 26.60 -5.39
N GLN B 161 -23.92 25.36 -5.82
CA GLN B 161 -24.54 24.23 -5.17
C GLN B 161 -23.61 23.02 -5.26
N ILE B 162 -23.59 22.19 -4.22
CA ILE B 162 -22.69 21.03 -4.22
C ILE B 162 -23.34 19.89 -3.45
N VAL B 163 -23.05 18.66 -3.87
CA VAL B 163 -23.58 17.45 -3.25
C VAL B 163 -22.42 16.63 -2.70
N THR B 164 -22.53 16.23 -1.43
CA THR B 164 -21.50 15.47 -0.76
C THR B 164 -22.06 14.18 -0.17
N SER B 165 -21.21 13.18 -0.03
CA SER B 165 -21.53 11.94 0.69
C SER B 165 -20.52 11.74 1.81
N SER B 166 -20.98 11.21 2.93
CA SER B 166 -20.12 11.13 4.10
C SER B 166 -20.13 9.73 4.69
N GLY B 167 -19.08 9.41 5.42
CA GLY B 167 -18.96 8.15 6.12
C GLY B 167 -19.73 8.11 7.42
N ASP B 168 -20.80 8.89 7.51
CA ASP B 168 -21.78 8.79 8.59
C ASP B 168 -23.14 8.33 8.05
N THR B 169 -23.15 7.68 6.89
CA THR B 169 -24.34 7.10 6.24
C THR B 169 -25.33 8.18 5.80
N THR B 170 -24.83 9.28 5.23
CA THR B 170 -25.71 10.36 4.83
C THR B 170 -25.15 11.04 3.57
N CYS B 171 -26.06 11.68 2.83
CA CYS B 171 -25.72 12.57 1.73
C CYS B 171 -26.33 13.94 1.99
N ALA B 172 -25.74 14.98 1.40
CA ALA B 172 -26.20 16.33 1.67
C ALA B 172 -26.05 17.22 0.44
N LEU B 173 -26.99 18.15 0.30
CA LEU B 173 -26.97 19.19 -0.73
C LEU B 173 -26.79 20.54 -0.04
N TRP B 174 -25.72 21.25 -0.43
CA TRP B 174 -25.24 22.46 0.21
C TRP B 174 -25.35 23.65 -0.75
N ASP B 175 -25.67 24.81 -0.17
CA ASP B 175 -25.64 26.10 -0.86
C ASP B 175 -24.39 26.86 -0.43
N ILE B 176 -23.47 27.06 -1.36
CA ILE B 176 -22.15 27.58 -1.01
C ILE B 176 -22.25 29.04 -0.56
N GLU B 177 -23.17 29.80 -1.13
CA GLU B 177 -23.22 31.25 -0.90
C GLU B 177 -23.42 31.58 0.58
N THR B 178 -24.35 30.89 1.24
CA THR B 178 -24.59 31.11 2.66
C THR B 178 -23.91 30.08 3.55
N GLY B 179 -23.39 28.99 2.99
CA GLY B 179 -22.66 28.02 3.77
C GLY B 179 -23.50 27.07 4.58
N GLN B 180 -24.80 26.95 4.28
CA GLN B 180 -25.71 26.13 5.05
C GLN B 180 -26.24 24.99 4.19
N GLN B 181 -26.61 23.89 4.85
CA GLN B 181 -27.20 22.76 4.15
C GLN B 181 -28.58 23.13 3.62
N THR B 182 -28.91 22.56 2.46
CA THR B 182 -30.23 22.72 1.88
C THR B 182 -31.06 21.45 1.90
N THR B 183 -30.44 20.29 1.70
CA THR B 183 -31.20 19.04 1.76
C THR B 183 -30.34 17.94 2.37
N THR B 184 -30.99 17.02 3.09
CA THR B 184 -30.33 15.87 3.68
C THR B 184 -30.98 14.59 3.17
N PHE B 185 -30.16 13.64 2.70
CA PHE B 185 -30.63 12.37 2.16
C PHE B 185 -30.15 11.26 3.09
N THR B 186 -31.11 10.58 3.73
CA THR B 186 -30.84 9.53 4.70
C THR B 186 -31.61 8.27 4.32
N GLY B 187 -31.09 7.12 4.77
CA GLY B 187 -31.71 5.85 4.44
C GLY B 187 -30.75 4.70 4.25
N HIS B 188 -29.48 5.00 3.96
CA HIS B 188 -28.45 3.96 3.95
C HIS B 188 -28.11 3.57 5.39
N THR B 189 -27.65 2.33 5.56
CA THR B 189 -27.24 1.84 6.87
C THR B 189 -25.74 1.56 6.96
N GLY B 190 -24.96 1.98 5.97
CA GLY B 190 -23.52 1.85 6.01
C GLY B 190 -22.86 3.06 5.38
N ASP B 191 -21.54 3.10 5.47
CA ASP B 191 -20.77 4.21 4.91
C ASP B 191 -21.01 4.32 3.41
N VAL B 192 -21.21 5.55 2.94
CA VAL B 192 -21.48 5.83 1.53
C VAL B 192 -20.15 6.08 0.81
N MET B 193 -19.92 5.37 -0.30
CA MET B 193 -18.61 5.41 -0.94
C MET B 193 -18.55 6.23 -2.23
N SER B 194 -19.61 6.25 -3.03
CA SER B 194 -19.53 6.91 -4.32
C SER B 194 -20.90 7.46 -4.70
N LEU B 195 -20.89 8.41 -5.64
CA LEU B 195 -22.11 8.98 -6.19
C LEU B 195 -21.87 9.40 -7.63
N SER B 196 -22.95 9.53 -8.38
CA SER B 196 -22.87 9.83 -9.82
C SER B 196 -24.02 10.74 -10.20
N LEU B 197 -23.71 11.88 -10.81
CA LEU B 197 -24.73 12.80 -11.27
C LEU B 197 -25.24 12.39 -12.65
N ALA B 198 -26.53 12.58 -12.87
CA ALA B 198 -27.14 12.26 -14.15
C ALA B 198 -26.78 13.33 -15.19
N PRO B 199 -26.89 13.00 -16.48
CA PRO B 199 -26.66 14.02 -17.51
C PRO B 199 -27.56 15.23 -17.38
N ASP B 200 -28.79 15.06 -16.90
CA ASP B 200 -29.70 16.18 -16.67
C ASP B 200 -29.60 16.77 -15.27
N THR B 201 -29.01 16.04 -14.31
CA THR B 201 -28.78 16.51 -12.94
C THR B 201 -30.08 16.78 -12.20
N ARG B 202 -31.14 16.06 -12.53
CA ARG B 202 -32.35 16.01 -11.71
C ARG B 202 -32.37 14.83 -10.75
N LEU B 203 -31.41 13.92 -10.85
CA LEU B 203 -31.38 12.69 -10.06
C LEU B 203 -29.93 12.30 -9.82
N PHE B 204 -29.70 11.45 -8.83
CA PHE B 204 -28.36 10.86 -8.68
C PHE B 204 -28.44 9.54 -7.94
N VAL B 205 -27.48 8.66 -8.24
CA VAL B 205 -27.40 7.33 -7.64
C VAL B 205 -26.28 7.30 -6.62
N SER B 206 -26.40 6.38 -5.66
CA SER B 206 -25.45 6.31 -4.56
C SER B 206 -25.27 4.86 -4.12
N GLY B 207 -24.05 4.52 -3.71
CA GLY B 207 -23.75 3.16 -3.28
C GLY B 207 -23.05 3.14 -1.93
N ALA B 208 -23.44 2.17 -1.10
CA ALA B 208 -22.99 2.17 0.29
C ALA B 208 -22.33 0.85 0.65
N CYS B 209 -21.70 0.85 1.84
CA CYS B 209 -21.11 -0.35 2.41
C CYS B 209 -22.15 -1.21 3.12
N ASP B 210 -23.26 -1.47 2.43
CA ASP B 210 -24.23 -2.47 2.87
C ASP B 210 -24.70 -3.30 1.68
N ALA B 211 -23.91 -3.29 0.60
CA ALA B 211 -24.23 -4.02 -0.64
C ALA B 211 -25.52 -3.50 -1.28
N SER B 212 -25.70 -2.19 -1.27
CA SER B 212 -26.93 -1.64 -1.82
C SER B 212 -26.68 -0.29 -2.49
N ALA B 213 -27.50 -0.01 -3.50
CA ALA B 213 -27.51 1.27 -4.20
C ALA B 213 -28.91 1.87 -4.14
N LYS B 214 -28.97 3.19 -4.21
CA LYS B 214 -30.24 3.90 -4.16
C LYS B 214 -30.27 5.03 -5.19
N LEU B 215 -31.47 5.38 -5.60
CA LEU B 215 -31.71 6.49 -6.53
C LEU B 215 -32.42 7.61 -5.80
N TRP B 216 -31.91 8.84 -5.94
CA TRP B 216 -32.37 9.98 -5.17
C TRP B 216 -32.82 11.11 -6.11
N ASP B 217 -33.90 11.78 -5.71
CA ASP B 217 -34.43 12.95 -6.39
C ASP B 217 -33.90 14.21 -5.71
N VAL B 218 -33.25 15.08 -6.48
CA VAL B 218 -32.57 16.23 -5.88
C VAL B 218 -33.58 17.23 -5.32
N ARG B 219 -34.62 17.54 -6.09
CA ARG B 219 -35.56 18.57 -5.67
C ARG B 219 -36.48 18.09 -4.55
N GLU B 220 -37.02 16.88 -4.66
CA GLU B 220 -37.95 16.38 -3.65
C GLU B 220 -37.25 16.02 -2.36
N GLY B 221 -36.12 15.33 -2.44
CA GLY B 221 -35.40 14.89 -1.26
C GLY B 221 -35.68 13.48 -0.79
N MET B 222 -36.35 12.66 -1.62
CA MET B 222 -36.78 11.33 -1.24
C MET B 222 -36.05 10.27 -2.05
N CYS B 223 -36.14 9.03 -1.58
CA CYS B 223 -35.59 7.88 -2.28
C CYS B 223 -36.69 7.22 -3.10
N ARG B 224 -36.41 6.97 -4.38
CA ARG B 224 -37.36 6.34 -5.28
C ARG B 224 -37.15 4.84 -5.41
N GLN B 225 -35.92 4.40 -5.68
CA GLN B 225 -35.67 2.99 -5.93
C GLN B 225 -34.42 2.52 -5.19
N THR B 226 -34.46 1.25 -4.78
CA THR B 226 -33.33 0.57 -4.15
C THR B 226 -32.94 -0.63 -4.97
N PHE B 227 -31.63 -0.84 -5.11
CA PHE B 227 -31.08 -1.91 -5.94
C PHE B 227 -30.15 -2.77 -5.11
N THR B 228 -30.40 -4.07 -5.12
CA THR B 228 -29.57 -5.07 -4.46
C THR B 228 -29.20 -6.15 -5.45
N GLY B 229 -28.25 -6.99 -5.05
CA GLY B 229 -27.78 -8.05 -5.93
C GLY B 229 -26.30 -8.35 -5.81
N HIS B 230 -25.53 -7.43 -5.24
CA HIS B 230 -24.14 -7.69 -4.93
C HIS B 230 -24.04 -8.50 -3.64
N GLU B 231 -22.81 -8.79 -3.20
CA GLU B 231 -22.60 -9.56 -1.99
C GLU B 231 -21.69 -8.89 -0.97
N SER B 232 -21.06 -7.78 -1.31
CA SER B 232 -20.14 -7.10 -0.40
C SER B 232 -20.22 -5.61 -0.65
N ASP B 233 -19.28 -4.86 -0.09
CA ASP B 233 -19.31 -3.40 -0.17
C ASP B 233 -19.12 -2.91 -1.60
N ILE B 234 -19.88 -1.89 -1.97
CA ILE B 234 -19.83 -1.30 -3.30
C ILE B 234 -18.87 -0.11 -3.27
N ASN B 235 -17.88 -0.11 -4.18
CA ASN B 235 -16.84 0.89 -4.17
C ASN B 235 -16.95 1.96 -5.25
N ALA B 236 -17.69 1.69 -6.33
CA ALA B 236 -17.75 2.61 -7.46
C ALA B 236 -19.10 2.50 -8.15
N ILE B 237 -19.44 3.53 -8.92
CA ILE B 237 -20.74 3.64 -9.59
C ILE B 237 -20.68 4.73 -10.65
N CYS B 238 -21.41 4.53 -11.76
CA CYS B 238 -21.45 5.53 -12.84
C CYS B 238 -22.65 5.26 -13.75
N PHE B 239 -23.14 6.31 -14.42
CA PHE B 239 -24.21 6.18 -15.40
C PHE B 239 -23.74 5.76 -16.79
N PHE B 240 -24.58 4.98 -17.45
CA PHE B 240 -24.52 4.78 -18.89
C PHE B 240 -24.77 6.11 -19.60
N PRO B 241 -24.15 6.32 -20.76
CA PRO B 241 -24.18 7.65 -21.40
C PRO B 241 -25.56 8.29 -21.57
N ASN B 242 -26.65 7.54 -21.65
CA ASN B 242 -27.95 8.16 -21.85
C ASN B 242 -28.79 8.24 -20.58
N GLY B 243 -28.25 7.83 -19.44
CA GLY B 243 -28.92 8.04 -18.17
C GLY B 243 -30.05 7.09 -17.84
N ASN B 244 -30.11 5.92 -18.48
CA ASN B 244 -31.14 4.93 -18.20
C ASN B 244 -30.59 3.66 -17.60
N ALA B 245 -29.32 3.63 -17.23
CA ALA B 245 -28.70 2.45 -16.62
C ALA B 245 -27.45 2.90 -15.88
N PHE B 246 -26.91 2.01 -15.06
CA PHE B 246 -25.67 2.32 -14.36
C PHE B 246 -24.94 1.02 -14.03
N ALA B 247 -23.67 1.15 -13.63
CA ALA B 247 -22.81 0.01 -13.38
C ALA B 247 -22.10 0.15 -12.04
N THR B 248 -21.88 -0.98 -11.36
CA THR B 248 -21.32 -1.00 -10.01
C THR B 248 -20.23 -2.07 -9.91
N GLY B 249 -19.26 -1.80 -9.04
CA GLY B 249 -18.21 -2.77 -8.74
C GLY B 249 -17.94 -2.85 -7.26
N SER B 250 -17.68 -4.06 -6.78
CA SER B 250 -17.66 -4.36 -5.35
C SER B 250 -16.39 -5.11 -4.96
N ASP B 251 -16.33 -5.49 -3.68
CA ASP B 251 -15.25 -6.28 -3.11
C ASP B 251 -15.35 -7.76 -3.43
N ASP B 252 -16.50 -8.23 -3.91
CA ASP B 252 -16.65 -9.61 -4.34
C ASP B 252 -16.07 -9.88 -5.72
N ALA B 253 -15.32 -8.92 -6.29
CA ALA B 253 -14.57 -9.09 -7.53
C ALA B 253 -15.49 -9.27 -8.74
N THR B 254 -16.55 -8.47 -8.80
CA THR B 254 -17.55 -8.59 -9.85
C THR B 254 -18.07 -7.20 -10.21
N CYS B 255 -18.37 -7.00 -11.48
CA CYS B 255 -19.10 -5.81 -11.92
C CYS B 255 -20.51 -6.20 -12.34
N ARG B 256 -21.46 -5.30 -12.16
CA ARG B 256 -22.84 -5.57 -12.55
C ARG B 256 -23.49 -4.34 -13.18
N LEU B 257 -24.43 -4.58 -14.09
CA LEU B 257 -25.14 -3.54 -14.80
C LEU B 257 -26.61 -3.57 -14.38
N PHE B 258 -27.12 -2.43 -13.91
CA PHE B 258 -28.50 -2.30 -13.46
C PHE B 258 -29.26 -1.33 -14.37
N ASP B 259 -30.56 -1.61 -14.51
CA ASP B 259 -31.45 -0.83 -15.36
C ASP B 259 -32.55 -0.19 -14.51
N LEU B 260 -32.91 1.05 -14.85
CA LEU B 260 -33.87 1.79 -14.03
C LEU B 260 -35.31 1.45 -14.36
N ARG B 261 -35.65 1.39 -15.64
CA ARG B 261 -37.06 1.22 -16.03
C ARG B 261 -37.52 -0.23 -15.85
N ALA B 262 -36.63 -1.21 -16.03
CA ALA B 262 -36.99 -2.59 -15.75
C ALA B 262 -36.81 -2.98 -14.30
N ASP B 263 -36.00 -2.22 -13.55
CA ASP B 263 -35.89 -2.35 -12.09
C ASP B 263 -35.20 -3.65 -11.67
N GLN B 264 -34.29 -4.16 -12.49
CA GLN B 264 -33.62 -5.43 -12.21
C GLN B 264 -32.17 -5.32 -12.61
N GLU B 265 -31.49 -6.47 -12.62
CA GLU B 265 -30.10 -6.60 -13.05
C GLU B 265 -30.06 -7.24 -14.43
N LEU B 266 -29.15 -6.75 -15.28
CA LEU B 266 -29.08 -7.20 -16.66
C LEU B 266 -27.84 -8.01 -17.01
N MET B 267 -26.68 -7.72 -16.40
CA MET B 267 -25.45 -8.37 -16.83
C MET B 267 -24.43 -8.34 -15.71
N THR B 268 -23.57 -9.37 -15.71
CA THR B 268 -22.53 -9.58 -14.72
C THR B 268 -21.20 -9.81 -15.41
N TYR B 269 -20.15 -9.18 -14.91
CA TYR B 269 -18.80 -9.24 -15.48
C TYR B 269 -17.84 -9.77 -14.43
N SER B 270 -17.36 -11.00 -14.64
CA SER B 270 -16.48 -11.68 -13.70
C SER B 270 -15.69 -12.76 -14.43
N HIS B 271 -14.66 -13.27 -13.76
CA HIS B 271 -13.87 -14.38 -14.29
C HIS B 271 -13.28 -15.16 -13.12
N ASP B 272 -12.90 -16.42 -13.41
CA ASP B 272 -12.45 -17.33 -12.36
C ASP B 272 -11.05 -17.00 -11.84
N ASN B 273 -10.27 -16.23 -12.59
CA ASN B 273 -8.90 -15.91 -12.19
C ASN B 273 -8.79 -14.59 -11.44
N ILE B 274 -9.91 -13.89 -11.23
CA ILE B 274 -9.91 -12.58 -10.59
C ILE B 274 -10.47 -12.75 -9.18
N ILE B 275 -9.63 -12.51 -8.18
CA ILE B 275 -10.04 -12.68 -6.78
C ILE B 275 -9.73 -11.43 -5.98
N CYS B 276 -9.61 -10.29 -6.65
CA CYS B 276 -9.34 -9.02 -6.00
C CYS B 276 -10.50 -8.05 -6.22
N GLY B 277 -10.63 -7.09 -5.33
CA GLY B 277 -11.70 -6.11 -5.41
C GLY B 277 -11.51 -5.15 -6.58
N ILE B 278 -12.47 -4.25 -6.71
CA ILE B 278 -12.50 -3.27 -7.79
C ILE B 278 -12.54 -1.88 -7.18
N THR B 279 -11.70 -0.99 -7.69
CA THR B 279 -11.57 0.35 -7.11
C THR B 279 -12.35 1.42 -7.85
N SER B 280 -12.50 1.32 -9.17
CA SER B 280 -13.14 2.36 -9.95
C SER B 280 -13.64 1.79 -11.26
N VAL B 281 -14.63 2.48 -11.85
CA VAL B 281 -15.25 2.06 -13.11
C VAL B 281 -15.54 3.30 -13.95
N SER B 282 -15.62 3.10 -15.26
CA SER B 282 -15.99 4.18 -16.17
C SER B 282 -16.43 3.60 -17.50
N PHE B 283 -17.24 4.36 -18.23
CA PHE B 283 -17.70 4.01 -19.55
C PHE B 283 -16.92 4.79 -20.62
N SER B 284 -17.10 4.38 -21.86
CA SER B 284 -16.58 5.13 -23.00
C SER B 284 -17.71 5.95 -23.62
N LYS B 285 -17.34 6.80 -24.59
CA LYS B 285 -18.26 7.82 -25.07
C LYS B 285 -19.50 7.22 -25.71
N SER B 286 -19.34 6.16 -26.49
CA SER B 286 -20.49 5.50 -27.11
C SER B 286 -21.21 4.55 -26.17
N GLY B 287 -20.60 4.18 -25.04
CA GLY B 287 -21.19 3.25 -24.11
C GLY B 287 -20.91 1.80 -24.39
N ARG B 288 -20.02 1.48 -25.33
CA ARG B 288 -19.82 0.10 -25.75
C ARG B 288 -18.75 -0.62 -24.94
N LEU B 289 -17.75 0.08 -24.43
CA LEU B 289 -16.72 -0.53 -23.61
C LEU B 289 -16.84 -0.06 -22.16
N LEU B 290 -16.45 -0.92 -21.23
CA LEU B 290 -16.44 -0.61 -19.82
C LEU B 290 -15.06 -0.86 -19.26
N LEU B 291 -14.48 0.14 -18.59
CA LEU B 291 -13.11 0.07 -18.08
C LEU B 291 -13.14 0.01 -16.56
N ALA B 292 -12.41 -0.93 -15.98
CA ALA B 292 -12.40 -1.12 -14.54
C ALA B 292 -10.98 -1.25 -14.02
N GLY B 293 -10.77 -0.78 -12.79
CA GLY B 293 -9.46 -0.85 -12.13
C GLY B 293 -9.50 -1.76 -10.92
N TYR B 294 -8.38 -2.42 -10.66
CA TYR B 294 -8.32 -3.52 -9.70
C TYR B 294 -7.20 -3.33 -8.71
N ASP B 295 -7.21 -4.15 -7.66
CA ASP B 295 -6.20 -4.14 -6.61
C ASP B 295 -4.94 -4.91 -6.98
N ASP B 296 -4.94 -5.62 -8.11
CA ASP B 296 -3.78 -6.37 -8.56
C ASP B 296 -2.96 -5.58 -9.57
N PHE B 297 -3.05 -4.26 -9.54
CA PHE B 297 -2.19 -3.29 -10.21
C PHE B 297 -2.54 -3.09 -11.68
N ASN B 298 -3.66 -3.63 -12.18
CA ASN B 298 -3.98 -3.62 -13.60
C ASN B 298 -5.35 -2.96 -13.83
N CYS B 299 -5.69 -2.80 -15.11
CA CYS B 299 -7.02 -2.36 -15.52
C CYS B 299 -7.51 -3.25 -16.64
N ASN B 300 -8.82 -3.52 -16.64
CA ASN B 300 -9.44 -4.41 -17.62
C ASN B 300 -10.47 -3.66 -18.46
N VAL B 301 -10.52 -3.97 -19.75
CA VAL B 301 -11.46 -3.39 -20.69
C VAL B 301 -12.41 -4.50 -21.14
N TRP B 302 -13.71 -4.31 -20.87
CA TRP B 302 -14.77 -5.28 -21.12
C TRP B 302 -15.66 -4.79 -22.24
N ASP B 303 -16.16 -5.72 -23.04
CA ASP B 303 -17.24 -5.46 -23.99
C ASP B 303 -18.55 -5.47 -23.23
N ALA B 304 -19.21 -4.32 -23.12
CA ALA B 304 -20.35 -4.18 -22.21
C ALA B 304 -21.60 -4.87 -22.72
N LEU B 305 -21.72 -5.12 -24.02
CA LEU B 305 -22.91 -5.75 -24.57
C LEU B 305 -22.85 -7.28 -24.57
N LYS B 306 -21.68 -7.87 -24.32
CA LYS B 306 -21.54 -9.32 -24.38
C LYS B 306 -20.77 -9.94 -23.23
N ALA B 307 -20.27 -9.16 -22.27
CA ALA B 307 -19.59 -9.69 -21.08
C ALA B 307 -18.34 -10.49 -21.46
N ASP B 308 -17.58 -9.98 -22.43
CA ASP B 308 -16.33 -10.59 -22.86
C ASP B 308 -15.19 -9.61 -22.64
N ARG B 309 -14.07 -10.11 -22.13
CA ARG B 309 -12.90 -9.26 -21.98
C ARG B 309 -12.36 -8.87 -23.35
N ALA B 310 -11.96 -7.61 -23.48
CA ALA B 310 -11.42 -7.11 -24.74
C ALA B 310 -10.06 -6.45 -24.63
N GLY B 311 -9.56 -6.18 -23.42
CA GLY B 311 -8.21 -5.64 -23.35
C GLY B 311 -7.73 -5.50 -21.92
N VAL B 312 -6.44 -5.19 -21.79
CA VAL B 312 -5.76 -5.04 -20.51
C VAL B 312 -4.80 -3.86 -20.58
N LEU B 313 -4.77 -3.04 -19.53
CA LEU B 313 -3.76 -2.01 -19.33
C LEU B 313 -2.93 -2.38 -18.11
N ALA B 314 -1.61 -2.42 -18.28
CA ALA B 314 -0.69 -2.87 -17.22
C ALA B 314 0.54 -1.97 -17.22
N GLY B 315 0.55 -0.97 -16.35
CA GLY B 315 1.69 -0.08 -16.26
C GLY B 315 2.03 0.46 -14.88
N HIS B 316 1.38 -0.04 -13.84
CA HIS B 316 1.55 0.50 -12.50
C HIS B 316 2.14 -0.56 -11.58
N ASP B 317 2.96 -0.10 -10.61
CA ASP B 317 3.62 -0.96 -9.65
C ASP B 317 2.93 -1.00 -8.29
N ASN B 318 1.78 -0.36 -8.15
CA ASN B 318 1.04 -0.38 -6.89
C ASN B 318 -0.44 -0.30 -7.20
N ARG B 319 -1.25 -0.18 -6.15
CA ARG B 319 -2.70 -0.26 -6.27
C ARG B 319 -3.24 0.89 -7.12
N VAL B 320 -4.08 0.55 -8.10
CA VAL B 320 -4.67 1.54 -9.00
C VAL B 320 -5.89 2.14 -8.31
N SER B 321 -5.85 3.45 -8.07
CA SER B 321 -6.84 4.10 -7.24
C SER B 321 -7.87 4.94 -7.99
N CYS B 322 -7.56 5.39 -9.21
CA CYS B 322 -8.51 6.27 -9.89
C CYS B 322 -8.35 6.16 -11.40
N LEU B 323 -9.42 6.53 -12.11
CA LEU B 323 -9.61 6.29 -13.53
C LEU B 323 -10.58 7.32 -14.09
N GLY B 324 -10.36 7.75 -15.33
CA GLY B 324 -11.26 8.72 -15.93
C GLY B 324 -11.16 8.78 -17.45
N VAL B 325 -12.27 9.16 -18.08
CA VAL B 325 -12.37 9.32 -19.53
C VAL B 325 -12.90 10.72 -19.84
N THR B 326 -12.37 11.34 -20.90
CA THR B 326 -12.72 12.71 -21.25
C THR B 326 -14.10 12.77 -21.92
N ASP B 327 -14.59 14.01 -22.09
CA ASP B 327 -15.92 14.22 -22.67
C ASP B 327 -15.96 13.96 -24.17
N ASP B 328 -14.84 14.11 -24.87
CA ASP B 328 -14.79 13.74 -26.28
C ASP B 328 -14.29 12.33 -26.51
N GLY B 329 -13.80 11.66 -25.46
CA GLY B 329 -13.54 10.24 -25.53
C GLY B 329 -12.21 9.84 -26.14
N MET B 330 -11.23 10.75 -26.19
CA MET B 330 -9.99 10.48 -26.90
C MET B 330 -8.83 10.07 -26.00
N ALA B 331 -9.00 10.05 -24.68
CA ALA B 331 -7.91 9.64 -23.81
C ALA B 331 -8.47 9.04 -22.52
N VAL B 332 -7.64 8.25 -21.87
CA VAL B 332 -7.96 7.68 -20.55
C VAL B 332 -6.85 8.05 -19.58
N ALA B 333 -7.21 8.42 -18.37
CA ALA B 333 -6.24 8.78 -17.34
C ALA B 333 -6.36 7.83 -16.17
N THR B 334 -5.23 7.28 -15.71
CA THR B 334 -5.20 6.40 -14.56
C THR B 334 -4.19 6.90 -13.54
N GLY B 335 -4.55 6.79 -12.27
CA GLY B 335 -3.63 7.11 -11.19
C GLY B 335 -3.65 6.02 -10.13
N SER B 336 -2.50 5.86 -9.46
CA SER B 336 -2.27 4.75 -8.56
C SER B 336 -1.46 5.21 -7.36
N TRP B 337 -1.18 4.25 -6.47
CA TRP B 337 -0.47 4.50 -5.21
C TRP B 337 1.04 4.63 -5.37
N ASP B 338 1.56 4.49 -6.58
CA ASP B 338 3.00 4.65 -6.84
C ASP B 338 3.38 6.07 -7.20
N SER B 339 2.44 7.03 -7.07
CA SER B 339 2.65 8.47 -7.20
C SER B 339 2.76 8.96 -8.65
N PHE B 340 2.31 8.19 -9.63
CA PHE B 340 2.37 8.62 -11.02
C PHE B 340 1.00 8.57 -11.67
N LEU B 341 0.79 9.48 -12.63
CA LEU B 341 -0.41 9.53 -13.45
C LEU B 341 -0.04 9.20 -14.88
N LYS B 342 -0.86 8.37 -15.54
CA LYS B 342 -0.58 7.94 -16.89
C LYS B 342 -1.77 8.19 -17.81
N ILE B 343 -1.46 8.62 -19.03
CA ILE B 343 -2.46 8.92 -20.05
C ILE B 343 -2.31 7.91 -21.17
N TRP B 344 -3.43 7.29 -21.56
CA TRP B 344 -3.47 6.20 -22.52
C TRP B 344 -4.32 6.59 -23.71
N ASN B 345 -3.87 6.20 -24.89
CA ASN B 345 -4.56 6.48 -26.14
C ASN B 345 -4.42 5.29 -27.08
N GLY B 346 -5.31 5.20 -28.05
CA GLY B 346 -5.36 4.09 -28.98
C GLY B 346 -4.83 4.49 -30.35
N SER B 347 -3.92 3.66 -30.86
CA SER B 347 -3.33 3.90 -32.17
C SER B 347 -4.25 3.40 -33.29
N SER C 8 -36.80 1.58 18.08
CA SER C 8 -36.78 0.42 17.21
C SER C 8 -38.10 0.28 16.45
N ILE C 9 -39.19 0.67 17.10
CA ILE C 9 -40.50 0.61 16.47
C ILE C 9 -40.63 1.65 15.35
N ALA C 10 -40.13 2.86 15.60
CA ALA C 10 -40.23 3.92 14.61
C ALA C 10 -39.45 3.58 13.34
N GLN C 11 -38.30 2.94 13.50
CA GLN C 11 -37.53 2.50 12.33
C GLN C 11 -38.32 1.50 11.50
N ALA C 12 -39.01 0.56 12.17
CA ALA C 12 -39.85 -0.39 11.46
C ALA C 12 -41.00 0.30 10.75
N ARG C 13 -41.61 1.30 11.39
CA ARG C 13 -42.68 2.05 10.75
C ARG C 13 -42.18 2.75 9.49
N LYS C 14 -41.01 3.40 9.58
CA LYS C 14 -40.45 4.09 8.43
C LYS C 14 -40.11 3.10 7.31
N LEU C 15 -39.58 1.93 7.68
CA LEU C 15 -39.26 0.92 6.68
C LEU C 15 -40.52 0.43 5.98
N VAL C 16 -41.60 0.20 6.74
CA VAL C 16 -42.85 -0.23 6.14
C VAL C 16 -43.40 0.83 5.20
N GLU C 17 -43.34 2.11 5.61
CA GLU C 17 -43.81 3.18 4.74
C GLU C 17 -43.00 3.26 3.46
N GLN C 18 -41.68 3.13 3.56
CA GLN C 18 -40.83 3.21 2.37
C GLN C 18 -41.08 2.02 1.45
N LEU C 19 -41.28 0.83 2.00
CA LEU C 19 -41.58 -0.33 1.17
C LEU C 19 -42.93 -0.17 0.47
N LYS C 20 -43.92 0.38 1.17
CA LYS C 20 -45.21 0.63 0.54
C LYS C 20 -45.08 1.64 -0.59
N MET C 21 -44.25 2.66 -0.39
CA MET C 21 -44.01 3.63 -1.46
C MET C 21 -43.33 2.97 -2.66
N GLU C 22 -42.35 2.10 -2.41
CA GLU C 22 -41.57 1.52 -3.49
C GLU C 22 -42.28 0.38 -4.21
N ALA C 23 -43.31 -0.23 -3.60
CA ALA C 23 -43.93 -1.40 -4.21
C ALA C 23 -44.77 -1.02 -5.41
N ASN C 24 -45.48 0.09 -5.36
CA ASN C 24 -46.47 0.44 -6.39
C ASN C 24 -45.87 1.41 -7.40
N ILE C 25 -44.96 0.87 -8.23
CA ILE C 25 -44.40 1.61 -9.36
C ILE C 25 -44.51 0.74 -10.61
N ASP C 26 -44.47 1.38 -11.77
CA ASP C 26 -44.64 0.69 -13.03
C ASP C 26 -43.32 0.09 -13.50
N ARG C 27 -43.42 -1.05 -14.18
CA ARG C 27 -42.26 -1.76 -14.72
C ARG C 27 -42.49 -2.01 -16.20
N ILE C 28 -41.39 -2.33 -16.90
CA ILE C 28 -41.40 -2.64 -18.32
C ILE C 28 -40.65 -3.96 -18.51
N LYS C 29 -40.92 -4.61 -19.65
CA LYS C 29 -40.26 -5.88 -19.95
C LYS C 29 -38.77 -5.68 -20.15
N VAL C 30 -38.01 -6.73 -19.90
CA VAL C 30 -36.56 -6.67 -20.03
C VAL C 30 -36.14 -6.51 -21.49
N SER C 31 -36.83 -7.21 -22.39
CA SER C 31 -36.43 -7.22 -23.80
C SER C 31 -36.50 -5.82 -24.41
N LYS C 32 -37.51 -5.03 -24.04
CA LYS C 32 -37.61 -3.67 -24.55
C LYS C 32 -36.43 -2.81 -24.11
N ALA C 33 -36.04 -2.94 -22.83
CA ALA C 33 -34.90 -2.18 -22.33
C ALA C 33 -33.61 -2.60 -23.01
N ALA C 34 -33.42 -3.91 -23.20
CA ALA C 34 -32.22 -4.38 -23.89
C ALA C 34 -32.18 -3.88 -25.32
N ALA C 35 -33.33 -3.88 -26.01
CA ALA C 35 -33.39 -3.36 -27.37
C ALA C 35 -33.04 -1.89 -27.42
N ASP C 36 -33.56 -1.09 -26.48
CA ASP C 36 -33.23 0.34 -26.45
C ASP C 36 -31.74 0.55 -26.21
N LEU C 37 -31.16 -0.20 -25.27
CA LEU C 37 -29.74 -0.03 -24.96
C LEU C 37 -28.89 -0.40 -26.16
N MET C 38 -29.23 -1.49 -26.85
CA MET C 38 -28.49 -1.90 -28.03
C MET C 38 -28.63 -0.89 -29.17
N ALA C 39 -29.82 -0.32 -29.34
CA ALA C 39 -30.02 0.70 -30.36
C ALA C 39 -29.17 1.93 -30.08
N TYR C 40 -29.12 2.38 -28.83
CA TYR C 40 -28.26 3.52 -28.50
C TYR C 40 -26.79 3.20 -28.76
N CYS C 41 -26.35 2.00 -28.38
CA CYS C 41 -24.95 1.64 -28.61
C CYS C 41 -24.62 1.61 -30.10
N GLU C 42 -25.54 1.10 -30.93
CA GLU C 42 -25.27 0.99 -32.36
C GLU C 42 -25.45 2.32 -33.10
N ALA C 43 -26.15 3.28 -32.51
CA ALA C 43 -26.39 4.54 -33.21
C ALA C 43 -25.23 5.51 -33.15
N HIS C 44 -24.27 5.32 -32.23
CA HIS C 44 -23.17 6.25 -32.03
C HIS C 44 -21.81 5.57 -32.21
N ALA C 45 -21.75 4.53 -33.03
CA ALA C 45 -20.53 3.74 -33.15
C ALA C 45 -19.43 4.49 -33.87
N LYS C 46 -19.78 5.28 -34.89
CA LYS C 46 -18.80 5.96 -35.72
C LYS C 46 -18.19 7.18 -35.06
N GLU C 47 -18.41 7.38 -33.75
CA GLU C 47 -17.91 8.55 -33.06
C GLU C 47 -17.28 8.20 -31.71
N ASP C 48 -16.71 7.00 -31.58
CA ASP C 48 -16.00 6.59 -30.38
C ASP C 48 -14.53 6.40 -30.72
N PRO C 49 -13.67 7.38 -30.43
CA PRO C 49 -12.25 7.25 -30.78
C PRO C 49 -11.53 6.10 -30.11
N LEU C 50 -11.97 5.66 -28.92
CA LEU C 50 -11.34 4.51 -28.30
C LEU C 50 -11.78 3.20 -28.95
N LEU C 51 -12.91 3.22 -29.67
CA LEU C 51 -13.37 2.07 -30.44
C LEU C 51 -12.90 2.12 -31.88
N THR C 52 -12.79 3.32 -32.46
CA THR C 52 -12.30 3.51 -33.82
C THR C 52 -11.20 4.57 -33.78
N PRO C 53 -9.94 4.16 -33.61
CA PRO C 53 -8.85 5.14 -33.48
C PRO C 53 -8.74 6.03 -34.72
N VAL C 54 -8.40 7.30 -34.47
CA VAL C 54 -8.27 8.30 -35.52
C VAL C 54 -6.84 8.27 -36.07
N PRO C 55 -6.60 8.75 -37.29
CA PRO C 55 -5.23 8.83 -37.80
C PRO C 55 -4.38 9.74 -36.94
N ALA C 56 -3.08 9.45 -36.90
CA ALA C 56 -2.17 10.15 -35.99
C ALA C 56 -2.09 11.64 -36.26
N SER C 57 -2.48 12.09 -37.46
CA SER C 57 -2.46 13.52 -37.74
C SER C 57 -3.50 14.26 -36.91
N GLU C 58 -4.62 13.60 -36.60
CA GLU C 58 -5.70 14.21 -35.84
C GLU C 58 -5.59 13.98 -34.34
N ASN C 59 -4.58 13.23 -33.90
CA ASN C 59 -4.43 12.91 -32.48
C ASN C 59 -3.79 14.09 -31.74
N PRO C 60 -4.46 14.70 -30.76
CA PRO C 60 -3.81 15.76 -29.97
C PRO C 60 -2.63 15.29 -29.15
N PHE C 61 -2.51 13.99 -28.88
CA PHE C 61 -1.45 13.45 -28.05
C PHE C 61 -0.34 12.78 -28.84
N ARG C 62 -0.34 12.90 -30.17
CA ARG C 62 0.71 12.31 -30.98
C ARG C 62 0.94 13.13 -32.25
N GLN D 1 -29.10 -10.11 -2.05
CA GLN D 1 -29.86 -9.98 -0.81
C GLN D 1 -29.33 -10.94 0.24
N VAL D 2 -28.40 -10.46 1.07
CA VAL D 2 -27.79 -11.31 2.08
C VAL D 2 -28.78 -11.56 3.20
N GLN D 3 -29.00 -12.84 3.53
CA GLN D 3 -29.95 -13.20 4.56
C GLN D 3 -29.37 -14.30 5.44
N LEU D 4 -29.58 -14.18 6.76
CA LEU D 4 -29.19 -15.18 7.73
C LEU D 4 -30.32 -15.33 8.75
N GLN D 5 -30.76 -16.56 8.98
CA GLN D 5 -31.87 -16.83 9.89
C GLN D 5 -31.45 -17.87 10.91
N GLU D 6 -31.67 -17.56 12.19
CA GLU D 6 -31.29 -18.44 13.28
C GLU D 6 -32.50 -19.23 13.79
N SER D 7 -32.22 -20.41 14.32
CA SER D 7 -33.24 -21.29 14.87
C SER D 7 -32.69 -21.99 16.10
N GLY D 8 -33.59 -22.34 17.02
CA GLY D 8 -33.22 -22.92 18.29
C GLY D 8 -33.55 -21.99 19.45
N GLY D 9 -32.83 -22.19 20.54
CA GLY D 9 -33.01 -21.36 21.72
C GLY D 9 -34.26 -21.74 22.49
N GLY D 10 -34.50 -20.99 23.57
CA GLY D 10 -35.62 -21.25 24.43
C GLY D 10 -35.18 -21.25 25.88
N LEU D 11 -36.00 -21.88 26.72
CA LEU D 11 -35.80 -21.89 28.17
C LEU D 11 -35.37 -23.27 28.62
N VAL D 12 -34.28 -23.34 29.37
CA VAL D 12 -33.71 -24.58 29.85
C VAL D 12 -33.33 -24.43 31.32
N GLN D 13 -32.73 -25.48 31.87
CA GLN D 13 -32.33 -25.57 33.26
C GLN D 13 -30.82 -25.76 33.35
N PRO D 14 -30.22 -25.46 34.51
CA PRO D 14 -28.76 -25.64 34.65
C PRO D 14 -28.35 -27.07 34.37
N GLY D 15 -27.20 -27.22 33.71
CA GLY D 15 -26.73 -28.52 33.28
C GLY D 15 -27.33 -29.03 31.99
N GLY D 16 -28.18 -28.23 31.33
CA GLY D 16 -28.83 -28.65 30.11
C GLY D 16 -27.95 -28.51 28.89
N SER D 17 -28.58 -28.63 27.73
CA SER D 17 -27.87 -28.54 26.46
C SER D 17 -28.83 -28.06 25.38
N LEU D 18 -28.25 -27.46 24.34
CA LEU D 18 -29.04 -26.92 23.24
C LEU D 18 -28.22 -26.99 21.95
N ARG D 19 -28.92 -26.81 20.83
CA ARG D 19 -28.29 -26.82 19.51
C ARG D 19 -28.90 -25.70 18.68
N LEU D 20 -28.11 -24.68 18.39
CA LEU D 20 -28.54 -23.55 17.59
C LEU D 20 -28.09 -23.72 16.14
N SER D 21 -28.99 -23.41 15.20
CA SER D 21 -28.72 -23.52 13.78
C SER D 21 -28.83 -22.14 13.13
N CYS D 22 -28.06 -21.96 12.04
CA CYS D 22 -28.02 -20.70 11.31
C CYS D 22 -28.01 -21.03 9.82
N ALA D 23 -29.05 -20.64 9.11
CA ALA D 23 -29.20 -20.89 7.69
C ALA D 23 -28.99 -19.60 6.92
N ALA D 24 -28.13 -19.67 5.89
CA ALA D 24 -27.71 -18.48 5.15
C ALA D 24 -28.11 -18.60 3.69
N SER D 25 -28.33 -17.44 3.06
CA SER D 25 -28.63 -17.39 1.64
C SER D 25 -28.22 -16.03 1.08
N GLY D 26 -27.97 -16.01 -0.23
CA GLY D 26 -27.61 -14.79 -0.93
C GLY D 26 -26.14 -14.61 -1.24
N PHE D 27 -25.30 -15.59 -0.92
CA PHE D 27 -23.87 -15.50 -1.21
C PHE D 27 -23.29 -16.90 -1.35
N THR D 28 -22.07 -16.96 -1.86
CA THR D 28 -21.33 -18.22 -1.94
C THR D 28 -20.80 -18.57 -0.56
N PHE D 29 -21.42 -19.58 0.06
CA PHE D 29 -21.21 -19.85 1.48
C PHE D 29 -19.76 -20.24 1.77
N SER D 30 -19.14 -21.01 0.89
CA SER D 30 -17.84 -21.60 1.17
C SER D 30 -16.67 -20.66 1.00
N ASN D 31 -16.90 -19.44 0.49
CA ASN D 31 -15.82 -18.47 0.32
C ASN D 31 -15.55 -17.65 1.57
N TYR D 32 -16.42 -17.73 2.59
CA TYR D 32 -16.40 -16.80 3.70
C TYR D 32 -16.12 -17.53 5.02
N LYS D 33 -15.83 -16.74 6.05
CA LYS D 33 -15.57 -17.21 7.39
C LYS D 33 -16.72 -16.80 8.30
N MET D 34 -17.07 -17.65 9.26
CA MET D 34 -18.28 -17.46 10.04
C MET D 34 -17.96 -17.40 11.52
N ASN D 35 -18.87 -16.81 12.31
CA ASN D 35 -18.64 -16.74 13.75
C ASN D 35 -19.94 -16.52 14.51
N TRP D 36 -19.87 -16.74 15.82
CA TRP D 36 -21.00 -16.63 16.74
C TRP D 36 -20.68 -15.56 17.79
N VAL D 37 -21.65 -14.65 18.00
CA VAL D 37 -21.55 -13.57 18.98
C VAL D 37 -22.81 -13.58 19.84
N ARG D 38 -22.76 -12.89 20.98
CA ARG D 38 -23.88 -12.87 21.90
C ARG D 38 -23.96 -11.54 22.63
N GLN D 39 -25.17 -11.23 23.11
CA GLN D 39 -25.43 -10.01 23.87
C GLN D 39 -26.31 -10.34 25.07
N ALA D 40 -25.84 -9.96 26.27
CA ALA D 40 -26.52 -10.20 27.54
C ALA D 40 -27.30 -8.95 27.97
N PRO D 41 -28.35 -9.12 28.77
CA PRO D 41 -29.14 -7.95 29.20
C PRO D 41 -28.31 -6.98 30.02
N GLY D 42 -28.28 -5.72 29.57
CA GLY D 42 -27.54 -4.69 30.27
C GLY D 42 -26.08 -4.60 29.95
N LYS D 43 -25.64 -5.15 28.81
CA LYS D 43 -24.23 -5.18 28.45
C LYS D 43 -24.12 -4.89 26.96
N GLY D 44 -22.93 -5.12 26.41
CA GLY D 44 -22.68 -4.98 25.00
C GLY D 44 -22.50 -6.32 24.30
N LEU D 45 -22.10 -6.25 23.05
CA LEU D 45 -21.90 -7.45 22.24
C LEU D 45 -20.57 -8.10 22.56
N GLU D 46 -20.57 -9.43 22.61
CA GLU D 46 -19.38 -10.21 22.95
C GLU D 46 -19.17 -11.29 21.91
N TRP D 47 -17.91 -11.47 21.52
CA TRP D 47 -17.52 -12.49 20.55
C TRP D 47 -17.38 -13.84 21.25
N VAL D 48 -17.97 -14.89 20.67
CA VAL D 48 -18.01 -16.20 21.29
C VAL D 48 -17.10 -17.19 20.57
N SER D 49 -17.24 -17.33 19.26
CA SER D 49 -16.39 -18.31 18.58
C SER D 49 -16.32 -18.02 17.09
N ASP D 50 -15.34 -18.62 16.41
CA ASP D 50 -15.23 -18.48 14.97
C ASP D 50 -14.72 -19.76 14.31
N ILE D 51 -15.10 -19.93 13.04
CA ILE D 51 -14.67 -21.05 12.20
C ILE D 51 -14.41 -20.54 10.78
N SER D 52 -13.41 -21.12 10.13
CA SER D 52 -12.87 -20.64 8.87
C SER D 52 -13.57 -21.31 7.68
N GLN D 53 -13.02 -21.11 6.47
CA GLN D 53 -13.72 -21.50 5.24
C GLN D 53 -13.95 -23.00 5.16
N SER D 54 -12.93 -23.80 5.50
CA SER D 54 -13.04 -25.25 5.42
C SER D 54 -13.41 -25.90 6.74
N GLY D 55 -12.95 -25.35 7.85
CA GLY D 55 -13.19 -25.92 9.16
C GLY D 55 -11.98 -26.51 9.83
N ALA D 56 -10.77 -26.17 9.38
CA ALA D 56 -9.55 -26.70 9.99
C ALA D 56 -8.99 -25.80 11.07
N SER D 57 -9.56 -24.60 11.26
CA SER D 57 -9.14 -23.70 12.32
C SER D 57 -10.38 -23.22 13.07
N ILE D 58 -10.38 -23.42 14.38
CA ILE D 58 -11.53 -23.12 15.22
C ILE D 58 -11.03 -22.33 16.43
N SER D 59 -11.79 -21.31 16.83
CA SER D 59 -11.35 -20.50 17.96
C SER D 59 -12.50 -20.22 18.92
N TYR D 60 -12.21 -20.36 20.22
CA TYR D 60 -13.16 -20.17 21.30
C TYR D 60 -12.66 -19.09 22.24
N THR D 61 -13.59 -18.47 22.97
CA THR D 61 -13.25 -17.55 24.04
C THR D 61 -12.99 -18.33 25.32
N GLY D 62 -12.36 -17.66 26.28
CA GLY D 62 -11.84 -18.36 27.44
C GLY D 62 -12.92 -19.02 28.30
N SER D 63 -14.05 -18.35 28.47
CA SER D 63 -15.05 -18.80 29.44
C SER D 63 -15.85 -20.00 28.94
N VAL D 64 -16.06 -20.15 27.63
CA VAL D 64 -16.88 -21.24 27.11
C VAL D 64 -16.06 -22.39 26.56
N LYS D 65 -14.73 -22.33 26.66
CA LYS D 65 -13.88 -23.35 26.07
C LYS D 65 -14.09 -24.69 26.76
N GLY D 66 -14.27 -25.74 25.96
CA GLY D 66 -14.50 -27.08 26.47
C GLY D 66 -15.95 -27.48 26.53
N ARG D 67 -16.87 -26.52 26.48
CA ARG D 67 -18.30 -26.80 26.58
C ARG D 67 -19.06 -26.62 25.27
N PHE D 68 -18.66 -25.68 24.43
CA PHE D 68 -19.33 -25.40 23.17
C PHE D 68 -18.60 -26.08 22.02
N THR D 69 -19.33 -26.33 20.93
CA THR D 69 -18.73 -26.92 19.74
C THR D 69 -19.38 -26.32 18.50
N ILE D 70 -18.57 -25.72 17.63
CA ILE D 70 -19.04 -25.08 16.41
C ILE D 70 -18.74 -25.98 15.22
N SER D 71 -19.61 -25.93 14.21
CA SER D 71 -19.37 -26.69 12.99
C SER D 71 -20.12 -26.05 11.84
N ARG D 72 -19.71 -26.40 10.62
CA ARG D 72 -20.36 -25.88 9.42
C ARG D 72 -20.61 -27.01 8.44
N ASP D 73 -21.66 -26.84 7.65
CA ASP D 73 -22.01 -27.77 6.56
C ASP D 73 -22.08 -26.95 5.27
N ASN D 74 -21.14 -27.20 4.37
CA ASN D 74 -21.00 -26.38 3.17
C ASN D 74 -21.96 -26.81 2.06
N ALA D 75 -22.41 -28.06 2.07
CA ALA D 75 -23.33 -28.51 1.03
C ALA D 75 -24.73 -27.96 1.24
N LYS D 76 -25.18 -27.86 2.50
CA LYS D 76 -26.50 -27.33 2.82
C LYS D 76 -26.44 -25.91 3.37
N ASN D 77 -25.26 -25.30 3.42
CA ASN D 77 -25.09 -23.90 3.85
C ASN D 77 -25.66 -23.67 5.24
N THR D 78 -25.09 -24.36 6.22
CA THR D 78 -25.61 -24.27 7.58
C THR D 78 -24.46 -24.12 8.57
N LEU D 79 -24.72 -23.39 9.65
CA LEU D 79 -23.78 -23.27 10.76
C LEU D 79 -24.45 -23.76 12.03
N TYR D 80 -23.69 -24.48 12.86
CA TYR D 80 -24.21 -25.13 14.05
C TYR D 80 -23.38 -24.76 15.26
N LEU D 81 -24.07 -24.51 16.38
CA LEU D 81 -23.43 -24.38 17.69
C LEU D 81 -24.10 -25.36 18.64
N GLN D 82 -23.30 -26.22 19.26
CA GLN D 82 -23.78 -27.19 20.24
C GLN D 82 -23.30 -26.74 21.62
N MET D 83 -24.25 -26.45 22.50
CA MET D 83 -23.99 -25.90 23.82
C MET D 83 -24.29 -26.95 24.87
N ASN D 84 -23.33 -27.18 25.78
CA ASN D 84 -23.42 -28.23 26.79
C ASN D 84 -23.21 -27.66 28.17
N SER D 85 -23.95 -28.19 29.15
CA SER D 85 -23.79 -27.85 30.56
C SER D 85 -23.92 -26.34 30.80
N LEU D 86 -25.13 -25.83 30.54
CA LEU D 86 -25.37 -24.40 30.62
C LEU D 86 -25.30 -23.91 32.06
N LYS D 87 -25.15 -22.59 32.19
CA LYS D 87 -25.08 -21.88 33.46
C LYS D 87 -25.98 -20.65 33.38
N PRO D 88 -26.42 -20.12 34.51
CA PRO D 88 -27.26 -18.92 34.48
C PRO D 88 -26.62 -17.73 33.79
N GLU D 89 -25.29 -17.65 33.76
CA GLU D 89 -24.59 -16.57 33.07
C GLU D 89 -24.66 -16.70 31.55
N ASP D 90 -25.38 -17.67 31.00
CA ASP D 90 -25.49 -17.87 29.56
C ASP D 90 -26.87 -17.45 29.03
N THR D 91 -27.55 -16.57 29.75
CA THR D 91 -28.87 -16.09 29.36
C THR D 91 -28.69 -14.85 28.51
N ALA D 92 -28.94 -14.95 27.21
CA ALA D 92 -28.62 -13.86 26.30
C ALA D 92 -29.26 -14.09 24.95
N VAL D 93 -29.12 -13.10 24.08
CA VAL D 93 -29.48 -13.23 22.67
C VAL D 93 -28.23 -13.61 21.89
N TYR D 94 -28.38 -14.49 20.90
CA TYR D 94 -27.26 -15.01 20.14
C TYR D 94 -27.42 -14.69 18.66
N TYR D 95 -26.32 -14.28 18.03
CA TYR D 95 -26.31 -13.88 16.63
C TYR D 95 -25.23 -14.62 15.86
N CYS D 96 -25.51 -14.83 14.58
CA CYS D 96 -24.66 -15.54 13.64
C CYS D 96 -24.13 -14.53 12.63
N ALA D 97 -22.81 -14.35 12.59
CA ALA D 97 -22.21 -13.25 11.84
C ALA D 97 -21.23 -13.76 10.78
N ARG D 98 -21.08 -12.95 9.74
CA ARG D 98 -20.21 -13.22 8.60
C ARG D 98 -19.18 -12.11 8.44
N CYS D 99 -17.98 -12.47 7.99
CA CYS D 99 -16.91 -11.50 7.78
C CYS D 99 -17.15 -10.71 6.48
N PRO D 100 -16.62 -9.49 6.39
CA PRO D 100 -17.03 -8.61 5.29
C PRO D 100 -16.61 -9.08 3.90
N ALA D 101 -15.42 -9.67 3.74
CA ALA D 101 -14.90 -9.94 2.42
C ALA D 101 -14.43 -11.38 2.28
N PRO D 102 -14.44 -11.92 1.07
CA PRO D 102 -13.99 -13.31 0.88
C PRO D 102 -12.49 -13.40 0.67
N PHE D 103 -11.98 -14.62 0.90
CA PHE D 103 -10.55 -14.93 0.71
C PHE D 103 -9.66 -14.06 1.59
N THR D 104 -10.12 -13.75 2.80
CA THR D 104 -9.50 -12.76 3.66
C THR D 104 -9.26 -13.38 5.04
N ARG D 105 -8.21 -12.91 5.72
CA ARG D 105 -7.77 -13.52 6.98
C ARG D 105 -8.04 -12.64 8.20
N ASP D 106 -8.94 -11.66 8.11
CA ASP D 106 -9.29 -10.86 9.28
C ASP D 106 -10.70 -10.32 9.13
N CYS D 107 -11.27 -9.89 10.26
CA CYS D 107 -12.67 -9.49 10.32
C CYS D 107 -12.86 -8.34 11.30
N PHE D 108 -13.80 -7.43 10.99
CA PHE D 108 -14.19 -6.34 11.88
C PHE D 108 -15.73 -6.35 12.00
N ASP D 109 -16.27 -7.20 12.88
CA ASP D 109 -17.71 -7.48 12.84
C ASP D 109 -18.37 -7.61 14.22
N VAL D 110 -18.03 -6.73 15.15
CA VAL D 110 -18.65 -6.78 16.48
C VAL D 110 -19.30 -5.46 16.86
N THR D 111 -19.38 -4.52 15.93
CA THR D 111 -19.81 -3.16 16.24
C THR D 111 -21.30 -3.09 16.52
N SER D 112 -21.66 -2.27 17.51
CA SER D 112 -23.05 -1.97 17.78
C SER D 112 -23.68 -1.15 16.67
N THR D 113 -22.87 -0.49 15.84
CA THR D 113 -23.36 0.46 14.87
C THR D 113 -23.93 -0.26 13.65
N THR D 114 -24.88 -1.15 13.89
CA THR D 114 -25.65 -1.82 12.84
C THR D 114 -24.73 -2.44 11.79
N TYR D 115 -23.99 -3.47 12.23
CA TYR D 115 -23.29 -4.31 11.28
C TYR D 115 -24.32 -4.96 10.35
N ALA D 116 -24.01 -4.97 9.05
CA ALA D 116 -25.04 -5.28 8.06
C ALA D 116 -25.18 -6.77 7.76
N TYR D 117 -24.18 -7.59 8.07
CA TYR D 117 -24.18 -9.00 7.67
C TYR D 117 -24.35 -9.94 8.86
N ARG D 118 -25.21 -9.59 9.82
CA ARG D 118 -25.61 -10.53 10.85
C ARG D 118 -27.13 -10.56 10.96
N GLY D 119 -27.64 -11.53 11.72
CA GLY D 119 -29.05 -11.82 11.75
C GLY D 119 -29.78 -11.20 12.92
N GLN D 120 -31.04 -11.61 13.10
CA GLN D 120 -31.90 -11.04 14.12
C GLN D 120 -31.68 -11.65 15.49
N GLY D 121 -31.14 -12.86 15.55
CA GLY D 121 -30.76 -13.48 16.81
C GLY D 121 -31.84 -14.36 17.39
N THR D 122 -31.45 -15.18 18.36
CA THR D 122 -32.36 -16.06 19.07
C THR D 122 -32.06 -16.02 20.57
N GLN D 123 -33.11 -16.14 21.37
CA GLN D 123 -33.00 -15.96 22.81
C GLN D 123 -32.77 -17.28 23.53
N VAL D 124 -31.85 -17.27 24.49
CA VAL D 124 -31.55 -18.44 25.32
C VAL D 124 -31.65 -18.02 26.78
N THR D 125 -32.55 -18.65 27.53
CA THR D 125 -32.76 -18.37 28.94
C THR D 125 -32.49 -19.64 29.74
N VAL D 126 -31.70 -19.50 30.80
CA VAL D 126 -31.38 -20.59 31.70
C VAL D 126 -31.83 -20.20 33.09
N SER D 127 -32.72 -20.99 33.68
CA SER D 127 -33.25 -20.71 35.00
C SER D 127 -33.86 -21.99 35.56
N SER D 128 -34.09 -21.99 36.87
CA SER D 128 -34.69 -23.13 37.56
C SER D 128 -36.18 -23.23 37.25
N LEU E 37 52.39 -8.61 -36.22
CA LEU E 37 53.37 -9.59 -36.69
C LEU E 37 53.65 -10.72 -35.68
N PRO E 38 53.92 -10.39 -34.41
CA PRO E 38 54.21 -11.46 -33.43
C PRO E 38 53.02 -12.40 -33.27
N SER E 39 53.32 -13.68 -33.07
CA SER E 39 52.28 -14.69 -32.90
C SER E 39 51.79 -14.68 -31.46
N PRO E 40 50.49 -14.49 -31.22
CA PRO E 40 49.99 -14.48 -29.85
C PRO E 40 49.98 -15.88 -29.24
N LYS E 41 49.93 -15.91 -27.91
CA LYS E 41 49.81 -17.13 -27.14
C LYS E 41 48.36 -17.30 -26.67
N ALA E 42 48.13 -18.36 -25.89
CA ALA E 42 46.78 -18.63 -25.40
C ALA E 42 46.34 -17.61 -24.36
N TRP E 43 47.28 -17.07 -23.58
CA TRP E 43 46.94 -16.13 -22.52
C TRP E 43 46.27 -14.88 -23.09
N ASP E 44 46.71 -14.42 -24.26
CA ASP E 44 46.08 -13.27 -24.89
C ASP E 44 44.62 -13.55 -25.22
N VAL E 45 44.34 -14.74 -25.77
CA VAL E 45 42.96 -15.10 -26.09
C VAL E 45 42.12 -15.21 -24.83
N VAL E 46 42.68 -15.78 -23.77
CA VAL E 46 41.95 -15.87 -22.50
C VAL E 46 41.62 -14.47 -21.97
N LEU E 47 42.59 -13.56 -22.03
CA LEU E 47 42.36 -12.21 -21.57
C LEU E 47 41.29 -11.51 -22.41
N CYS E 48 41.31 -11.73 -23.72
CA CYS E 48 40.28 -11.15 -24.59
C CYS E 48 38.90 -11.68 -24.23
N ILE E 49 38.79 -12.98 -23.98
CA ILE E 49 37.49 -13.57 -23.61
C ILE E 49 37.00 -12.99 -22.30
N SER E 50 37.90 -12.89 -21.30
CA SER E 50 37.52 -12.31 -20.02
C SER E 50 37.06 -10.87 -20.17
N GLY E 51 37.78 -10.09 -21.00
CA GLY E 51 37.37 -8.72 -21.24
C GLY E 51 36.01 -8.63 -21.89
N THR E 52 35.73 -9.51 -22.85
CA THR E 52 34.43 -9.52 -23.50
C THR E 52 33.32 -9.82 -22.50
N LEU E 53 33.53 -10.81 -21.63
CA LEU E 53 32.51 -11.16 -20.64
C LEU E 53 32.27 -10.00 -19.66
N VAL E 54 33.36 -9.40 -19.17
CA VAL E 54 33.23 -8.27 -18.25
C VAL E 54 32.49 -7.12 -18.91
N SER E 55 32.84 -6.82 -20.16
CA SER E 55 32.20 -5.73 -20.88
C SER E 55 30.70 -5.99 -21.04
N CYS E 56 30.33 -7.21 -21.42
CA CYS E 56 28.91 -7.52 -21.60
C CYS E 56 28.14 -7.36 -20.30
N GLU E 57 28.66 -7.93 -19.21
CA GLU E 57 27.94 -7.86 -17.94
C GLU E 57 27.77 -6.42 -17.48
N ASN E 58 28.86 -5.65 -17.47
CA ASN E 58 28.76 -4.29 -16.94
C ASN E 58 27.95 -3.39 -17.87
N ALA E 59 28.00 -3.62 -19.19
CA ALA E 59 27.14 -2.86 -20.09
C ALA E 59 25.68 -3.13 -19.81
N LEU E 60 25.31 -4.39 -19.58
CA LEU E 60 23.92 -4.68 -19.25
C LEU E 60 23.50 -4.01 -17.95
N VAL E 61 24.37 -4.06 -16.94
CA VAL E 61 24.03 -3.44 -15.65
C VAL E 61 23.85 -1.93 -15.81
N VAL E 62 24.78 -1.27 -16.52
CA VAL E 62 24.68 0.17 -16.71
C VAL E 62 23.42 0.53 -17.48
N ALA E 63 23.10 -0.24 -18.53
CA ALA E 63 21.90 0.03 -19.30
C ALA E 63 20.64 -0.11 -18.46
N ILE E 64 20.60 -1.13 -17.59
CA ILE E 64 19.45 -1.28 -16.70
C ILE E 64 19.34 -0.09 -15.77
N ILE E 65 20.46 0.34 -15.18
CA ILE E 65 20.41 1.40 -14.17
C ILE E 65 20.01 2.73 -14.80
N VAL E 66 20.65 3.11 -15.92
CA VAL E 66 20.45 4.45 -16.48
C VAL E 66 19.10 4.61 -17.15
N GLY E 67 18.44 3.51 -17.49
CA GLY E 67 17.19 3.55 -18.22
C GLY E 67 15.94 3.66 -17.38
N THR E 68 16.06 4.05 -16.12
CA THR E 68 14.91 4.20 -15.23
C THR E 68 15.12 5.43 -14.35
N PRO E 69 14.17 6.36 -14.32
CA PRO E 69 14.34 7.57 -13.50
C PRO E 69 14.12 7.35 -12.01
N ALA E 70 13.68 6.17 -11.59
CA ALA E 70 13.46 5.91 -10.17
C ALA E 70 14.70 5.39 -9.47
N PHE E 71 15.77 5.09 -10.20
CA PHE E 71 17.02 4.61 -9.61
C PHE E 71 18.00 5.77 -9.45
N ARG E 72 17.63 6.72 -8.58
CA ARG E 72 18.46 7.90 -8.35
C ARG E 72 18.84 8.08 -6.89
N ALA E 73 18.65 7.07 -6.05
CA ALA E 73 19.15 7.12 -4.69
C ALA E 73 20.68 7.05 -4.70
N PRO E 74 21.32 7.58 -3.65
CA PRO E 74 22.80 7.57 -3.62
C PRO E 74 23.44 6.21 -3.82
N MET E 75 22.87 5.16 -3.23
CA MET E 75 23.45 3.83 -3.41
C MET E 75 23.41 3.39 -4.86
N PHE E 76 22.35 3.77 -5.59
CA PHE E 76 22.31 3.48 -7.02
C PHE E 76 23.40 4.23 -7.76
N LEU E 77 23.68 5.46 -7.36
CA LEU E 77 24.76 6.22 -7.98
C LEU E 77 26.12 5.54 -7.75
N LEU E 78 26.36 5.06 -6.54
CA LEU E 78 27.63 4.40 -6.24
C LEU E 78 27.77 3.07 -6.98
N VAL E 79 26.68 2.30 -7.06
CA VAL E 79 26.72 1.04 -7.80
C VAL E 79 26.92 1.31 -9.29
N GLY E 80 26.27 2.35 -9.82
CA GLY E 80 26.48 2.69 -11.22
C GLY E 80 27.89 3.14 -11.51
N SER E 81 28.50 3.87 -10.57
CA SER E 81 29.90 4.25 -10.72
C SER E 81 30.80 3.03 -10.79
N LEU E 82 30.57 2.07 -9.89
CA LEU E 82 31.35 0.83 -9.92
C LEU E 82 31.16 0.10 -11.24
N ALA E 83 29.93 0.04 -11.72
CA ALA E 83 29.64 -0.65 -12.99
C ALA E 83 30.33 0.04 -14.16
N VAL E 84 30.34 1.37 -14.19
CA VAL E 84 30.98 2.09 -15.28
C VAL E 84 32.49 1.85 -15.27
N ALA E 85 33.10 1.87 -14.07
CA ALA E 85 34.53 1.60 -13.99
C ALA E 85 34.85 0.18 -14.45
N ASP E 86 34.03 -0.78 -14.05
CA ASP E 86 34.25 -2.17 -14.48
C ASP E 86 34.08 -2.29 -16.00
N LEU E 87 33.10 -1.59 -16.58
CA LEU E 87 32.92 -1.62 -18.02
C LEU E 87 34.12 -1.04 -18.75
N LEU E 88 34.66 0.07 -18.25
CA LEU E 88 35.85 0.65 -18.86
C LEU E 88 37.02 -0.32 -18.79
N ALA E 89 37.20 -0.98 -17.64
CA ALA E 89 38.28 -1.96 -17.52
C ALA E 89 38.05 -3.14 -18.46
N GLY E 90 36.78 -3.48 -18.72
CA GLY E 90 36.49 -4.55 -19.65
C GLY E 90 36.83 -4.21 -21.08
N LEU E 91 36.42 -3.03 -21.54
CA LEU E 91 36.75 -2.59 -22.89
C LEU E 91 38.21 -2.19 -23.04
N GLY E 92 38.93 -2.06 -21.91
CA GLY E 92 40.35 -1.67 -21.92
C GLY E 92 41.25 -2.88 -22.16
N LEU E 93 40.68 -4.08 -22.10
CA LEU E 93 41.46 -5.34 -22.33
C LEU E 93 41.34 -5.75 -23.80
N VAL E 94 40.43 -5.12 -24.53
CA VAL E 94 40.22 -5.43 -25.99
C VAL E 94 41.01 -4.42 -26.83
N LEU E 95 41.79 -3.56 -26.18
CA LEU E 95 42.60 -2.52 -26.89
C LEU E 95 44.09 -2.74 -26.57
N HIS E 96 44.42 -3.90 -25.99
CA HIS E 96 45.83 -4.23 -25.64
C HIS E 96 46.26 -5.51 -26.34
N PHE E 97 45.31 -6.21 -26.96
CA PHE E 97 45.60 -7.47 -27.69
C PHE E 97 45.52 -7.22 -29.20
N ALA E 98 44.58 -6.36 -29.62
CA ALA E 98 44.40 -6.03 -31.05
C ALA E 98 45.03 -4.67 -31.34
N ALA E 99 46.09 -4.31 -30.61
CA ALA E 99 46.79 -3.01 -30.79
C ALA E 99 48.27 -3.26 -31.04
N VAL E 100 48.80 -4.38 -30.54
CA VAL E 100 50.21 -4.73 -30.71
C VAL E 100 50.29 -6.05 -31.48
N PHE E 101 49.15 -6.59 -31.86
CA PHE E 101 49.11 -7.84 -32.61
C PHE E 101 48.41 -7.68 -33.96
N CYS E 102 47.62 -6.62 -34.11
CA CYS E 102 46.79 -6.49 -35.30
C CYS E 102 46.87 -5.10 -35.93
N ILE E 103 47.55 -4.16 -35.27
CA ILE E 103 47.67 -2.82 -35.84
C ILE E 103 49.13 -2.39 -35.84
N GLY E 104 49.95 -3.04 -35.01
CA GLY E 104 51.36 -2.73 -34.95
C GLY E 104 51.68 -1.29 -34.58
N SER E 105 51.38 -0.91 -33.34
CA SER E 105 51.62 0.46 -32.88
C SER E 105 52.18 0.42 -31.46
N ALA E 106 52.68 1.57 -31.01
CA ALA E 106 53.33 1.68 -29.71
C ALA E 106 52.68 2.66 -28.75
N GLU E 107 52.27 3.84 -29.23
CA GLU E 107 51.64 4.82 -28.36
C GLU E 107 50.31 4.31 -27.81
N MET E 108 49.55 3.61 -28.65
CA MET E 108 48.26 3.07 -28.21
C MET E 108 48.43 2.12 -27.03
N SER E 109 49.50 1.33 -27.03
CA SER E 109 49.73 0.42 -25.92
C SER E 109 49.93 1.18 -24.61
N LEU E 110 50.74 2.25 -24.64
CA LEU E 110 50.96 3.05 -23.45
C LEU E 110 49.67 3.69 -22.96
N VAL E 111 48.89 4.25 -23.88
CA VAL E 111 47.65 4.91 -23.48
C VAL E 111 46.68 3.90 -22.87
N LEU E 112 46.57 2.71 -23.46
CA LEU E 112 45.64 1.72 -22.94
C LEU E 112 46.10 1.16 -21.59
N VAL E 113 47.42 1.03 -21.39
CA VAL E 113 47.93 0.61 -20.08
C VAL E 113 47.55 1.64 -19.02
N GLY E 114 47.72 2.92 -19.33
CA GLY E 114 47.29 3.96 -18.40
C GLY E 114 45.80 3.89 -18.11
N VAL E 115 44.99 3.63 -19.14
CA VAL E 115 43.54 3.55 -18.95
C VAL E 115 43.19 2.37 -18.03
N LEU E 116 43.84 1.22 -18.23
CA LEU E 116 43.59 0.07 -17.37
C LEU E 116 43.93 0.37 -15.91
N ALA E 117 45.08 1.01 -15.68
CA ALA E 117 45.46 1.35 -14.31
C ALA E 117 44.44 2.26 -13.67
N MET E 118 43.98 3.28 -14.41
CA MET E 118 42.99 4.21 -13.87
C MET E 118 41.68 3.50 -13.55
N ALA E 119 41.24 2.60 -14.44
CA ALA E 119 39.98 1.89 -14.21
C ALA E 119 40.04 1.03 -12.95
N PHE E 120 41.16 0.31 -12.76
CA PHE E 120 41.27 -0.52 -11.56
C PHE E 120 41.28 0.31 -10.28
N THR E 121 42.01 1.44 -10.31
CA THR E 121 42.00 2.32 -9.14
C THR E 121 40.58 2.82 -8.85
N ALA E 122 39.83 3.16 -9.90
CA ALA E 122 38.47 3.66 -9.70
C ALA E 122 37.56 2.59 -9.11
N SER E 123 37.73 1.32 -9.53
CA SER E 123 36.90 0.26 -8.96
C SER E 123 37.19 0.07 -7.47
N ILE E 124 38.46 0.10 -7.07
CA ILE E 124 38.78 -0.02 -5.65
C ILE E 124 38.15 1.14 -4.86
N GLY E 125 38.26 2.36 -5.40
CA GLY E 125 37.66 3.50 -4.72
C GLY E 125 36.15 3.37 -4.57
N SER E 126 35.49 2.85 -5.60
CA SER E 126 34.03 2.69 -5.54
C SER E 126 33.62 1.67 -4.47
N LEU E 127 34.38 0.58 -4.35
CA LEU E 127 34.07 -0.38 -3.29
C LEU E 127 34.20 0.26 -1.90
N LEU E 128 35.26 1.03 -1.67
CA LEU E 128 35.41 1.69 -0.38
C LEU E 128 34.26 2.67 -0.12
N ALA E 129 33.85 3.41 -1.15
CA ALA E 129 32.75 4.36 -0.99
C ALA E 129 31.46 3.65 -0.61
N ILE E 130 31.16 2.51 -1.24
CA ILE E 130 29.96 1.76 -0.91
C ILE E 130 29.99 1.32 0.55
N THR E 131 31.13 0.82 1.01
CA THR E 131 31.23 0.39 2.41
C THR E 131 30.97 1.54 3.38
N VAL E 132 31.56 2.71 3.10
CA VAL E 132 31.37 3.85 3.99
C VAL E 132 29.90 4.28 4.00
N ASP E 133 29.23 4.24 2.85
CA ASP E 133 27.84 4.63 2.80
C ASP E 133 26.95 3.68 3.62
N ARG E 134 27.22 2.36 3.55
CA ARG E 134 26.45 1.43 4.38
C ARG E 134 26.65 1.69 5.86
N TYR E 135 27.91 1.89 6.28
CA TYR E 135 28.16 2.18 7.68
C TYR E 135 27.43 3.43 8.13
N LEU E 136 27.43 4.48 7.30
CA LEU E 136 26.76 5.71 7.69
C LEU E 136 25.25 5.56 7.72
N SER E 137 24.67 4.74 6.83
CA SER E 137 23.24 4.51 6.89
C SER E 137 22.84 3.76 8.15
N LEU E 138 23.73 2.93 8.69
CA LEU E 138 23.41 2.31 9.97
C LEU E 138 23.66 3.24 11.15
N TYR E 139 24.70 4.06 11.11
CA TYR E 139 25.06 4.86 12.28
C TYR E 139 24.16 6.09 12.46
N ASN E 140 23.72 6.70 11.36
CA ASN E 140 22.83 7.86 11.41
C ASN E 140 21.47 7.49 10.84
N ALA E 141 20.94 6.33 11.23
CA ALA E 141 19.74 5.78 10.61
C ALA E 141 18.55 6.73 10.72
N LEU E 142 18.47 7.48 11.82
CA LEU E 142 17.28 8.25 12.13
C LEU E 142 17.28 9.64 11.50
N THR E 143 18.41 10.06 10.93
CA THR E 143 18.52 11.32 10.18
C THR E 143 19.26 11.07 8.87
N TYR E 144 18.84 10.04 8.13
CA TYR E 144 19.58 9.57 6.97
C TYR E 144 19.02 10.04 5.63
N TYR E 145 17.74 10.40 5.57
CA TYR E 145 17.14 10.90 4.32
C TYR E 145 17.13 12.43 4.37
N SER E 146 18.20 13.03 3.88
CA SER E 146 18.32 14.48 3.82
C SER E 146 19.38 14.83 2.79
N GLU E 147 19.45 16.13 2.47
CA GLU E 147 20.36 16.61 1.43
C GLU E 147 21.83 16.42 1.79
N THR E 148 22.15 16.31 3.08
CA THR E 148 23.53 16.08 3.48
C THR E 148 24.06 14.79 2.88
N THR E 149 23.19 13.77 2.77
CA THR E 149 23.60 12.52 2.15
C THR E 149 23.95 12.72 0.68
N VAL E 150 23.18 13.54 -0.04
CA VAL E 150 23.46 13.77 -1.45
C VAL E 150 24.76 14.55 -1.61
N THR E 151 24.99 15.56 -0.76
CA THR E 151 26.25 16.30 -0.83
C THR E 151 27.44 15.40 -0.52
N ARG E 152 27.30 14.52 0.48
CA ARG E 152 28.35 13.57 0.79
C ARG E 152 28.62 12.64 -0.38
N THR E 153 27.58 12.17 -1.06
CA THR E 153 27.76 11.29 -2.20
C THR E 153 28.48 12.00 -3.33
N TYR E 154 28.13 13.26 -3.59
CA TYR E 154 28.82 14.02 -4.62
C TYR E 154 30.30 14.18 -4.29
N VAL E 155 30.62 14.50 -3.04
CA VAL E 155 32.01 14.66 -2.65
C VAL E 155 32.75 13.33 -2.77
N MET E 156 32.12 12.22 -2.38
CA MET E 156 32.77 10.92 -2.48
C MET E 156 33.07 10.55 -3.93
N LEU E 157 32.12 10.79 -4.83
CA LEU E 157 32.35 10.49 -6.23
C LEU E 157 33.48 11.35 -6.81
N ALA E 158 33.48 12.64 -6.45
CA ALA E 158 34.53 13.53 -6.94
C ALA E 158 35.90 13.07 -6.46
N LEU E 159 36.01 12.71 -5.17
CA LEU E 159 37.29 12.26 -4.63
C LEU E 159 37.74 10.95 -5.29
N VAL E 160 36.81 10.02 -5.48
CA VAL E 160 37.16 8.72 -6.07
C VAL E 160 37.74 8.92 -7.46
N TRP E 161 37.02 9.66 -8.32
CA TRP E 161 37.50 9.79 -9.69
C TRP E 161 38.70 10.72 -9.80
N GLY E 162 38.81 11.72 -8.92
CA GLY E 162 40.02 12.53 -8.90
C GLY E 162 41.26 11.72 -8.55
N GLY E 163 41.16 10.86 -7.54
CA GLY E 163 42.28 9.99 -7.21
C GLY E 163 42.60 9.02 -8.33
N ALA E 164 41.56 8.44 -8.95
CA ALA E 164 41.79 7.50 -10.05
C ALA E 164 42.53 8.18 -11.19
N LEU E 165 42.12 9.40 -11.56
CA LEU E 165 42.83 10.14 -12.60
C LEU E 165 44.25 10.50 -12.16
N GLY E 166 44.42 10.91 -10.90
CA GLY E 166 45.73 11.32 -10.42
C GLY E 166 46.72 10.18 -10.28
N LEU E 167 46.24 8.94 -10.27
CA LEU E 167 47.12 7.78 -10.36
C LEU E 167 46.97 7.04 -11.69
N GLY E 168 46.68 7.79 -12.76
CA GLY E 168 46.53 7.22 -14.08
C GLY E 168 47.18 8.06 -15.16
N LEU E 169 48.04 8.99 -14.76
CA LEU E 169 48.85 9.77 -15.69
C LEU E 169 50.33 9.54 -15.53
N LEU E 170 50.75 8.77 -14.53
CA LEU E 170 52.16 8.38 -14.45
C LEU E 170 52.62 7.52 -15.63
N PRO E 171 51.87 6.50 -16.08
CA PRO E 171 52.39 5.69 -17.20
C PRO E 171 52.63 6.46 -18.48
N VAL E 172 52.11 7.68 -18.62
CA VAL E 172 52.34 8.45 -19.84
C VAL E 172 53.40 9.53 -19.60
N LEU E 173 53.49 10.04 -18.37
CA LEU E 173 54.46 11.07 -18.04
C LEU E 173 55.18 10.75 -16.73
N ALA E 174 56.50 10.91 -16.74
CA ALA E 174 57.32 10.98 -15.52
C ALA E 174 57.42 9.64 -14.80
N TRP E 175 57.00 8.57 -15.47
CA TRP E 175 57.15 7.24 -14.89
C TRP E 175 57.55 6.21 -15.94
N ASN E 176 58.02 6.66 -17.11
CA ASN E 176 58.28 5.77 -18.23
C ASN E 176 59.62 5.05 -18.06
N CYS E 177 60.02 4.38 -19.13
CA CYS E 177 61.27 3.61 -19.15
C CYS E 177 62.08 4.08 -20.37
N LEU E 178 63.13 3.33 -20.69
CA LEU E 178 64.01 3.60 -21.83
C LEU E 178 64.69 4.96 -21.68
N ASP E 179 65.04 5.28 -20.44
CA ASP E 179 65.80 6.49 -20.14
C ASP E 179 66.99 6.26 -19.22
N GLY E 180 67.02 5.17 -18.44
CA GLY E 180 68.11 4.86 -17.55
C GLY E 180 67.99 5.48 -16.17
N LEU E 181 67.08 6.44 -16.00
CA LEU E 181 66.88 7.12 -14.72
C LEU E 181 65.81 6.43 -13.88
N THR E 182 65.51 5.18 -14.18
CA THR E 182 64.51 4.41 -13.45
C THR E 182 64.76 2.93 -13.71
N THR E 183 63.99 2.09 -13.00
CA THR E 183 64.04 0.65 -13.19
C THR E 183 62.63 0.18 -13.55
N CYS E 184 62.51 -0.63 -14.59
CA CYS E 184 61.21 -1.07 -15.05
C CYS E 184 60.68 -2.19 -14.17
N GLY E 185 59.41 -2.12 -13.82
CA GLY E 185 58.77 -3.07 -12.93
C GLY E 185 58.30 -4.31 -13.68
N VAL E 186 57.33 -4.99 -13.07
CA VAL E 186 56.83 -6.25 -13.63
C VAL E 186 56.09 -5.99 -14.94
N VAL E 187 55.25 -4.96 -14.97
CA VAL E 187 54.62 -4.56 -16.22
C VAL E 187 55.62 -3.75 -17.03
N TYR E 188 55.58 -3.92 -18.36
CA TYR E 188 56.66 -3.39 -19.20
C TYR E 188 56.77 -1.88 -19.13
N PRO E 189 55.75 -1.08 -19.55
CA PRO E 189 55.93 0.38 -19.64
C PRO E 189 55.59 1.11 -18.34
N LEU E 190 56.09 0.60 -17.21
CA LEU E 190 55.91 1.26 -15.92
C LEU E 190 57.21 1.22 -15.13
N SER E 191 57.33 2.17 -14.21
CA SER E 191 58.45 2.22 -13.28
C SER E 191 58.18 1.26 -12.13
N LYS E 192 58.99 1.35 -11.07
CA LYS E 192 58.82 0.47 -9.91
C LYS E 192 58.13 1.15 -8.74
N ASN E 193 58.39 2.43 -8.50
CA ASN E 193 57.78 3.12 -7.37
C ASN E 193 56.26 3.22 -7.53
N HIS E 194 55.78 3.31 -8.77
CA HIS E 194 54.35 3.39 -9.02
C HIS E 194 53.63 2.17 -8.46
N LEU E 195 54.15 0.98 -8.75
CA LEU E 195 53.53 -0.24 -8.25
C LEU E 195 53.58 -0.32 -6.73
N VAL E 196 54.69 0.14 -6.14
CA VAL E 196 54.84 0.07 -4.69
C VAL E 196 53.81 0.96 -4.00
N VAL E 197 53.66 2.19 -4.48
CA VAL E 197 52.70 3.10 -3.85
C VAL E 197 51.27 2.60 -4.05
N LEU E 198 50.99 2.01 -5.22
CA LEU E 198 49.66 1.45 -5.43
C LEU E 198 49.38 0.31 -4.46
N ALA E 199 50.38 -0.55 -4.22
CA ALA E 199 50.20 -1.63 -3.25
C ALA E 199 49.96 -1.11 -1.84
N ILE E 200 50.70 -0.08 -1.44
CA ILE E 200 50.49 0.50 -0.11
C ILE E 200 49.07 1.05 0.03
N ALA E 201 48.60 1.74 -1.00
CA ALA E 201 47.23 2.25 -0.98
C ALA E 201 46.22 1.11 -0.84
N PHE E 202 46.45 0.02 -1.56
CA PHE E 202 45.53 -1.12 -1.46
C PHE E 202 45.47 -1.67 -0.04
N PHE E 203 46.64 -1.81 0.60
CA PHE E 203 46.64 -2.32 1.97
C PHE E 203 45.88 -1.40 2.91
N MET E 204 46.04 -0.08 2.75
CA MET E 204 45.33 0.86 3.59
C MET E 204 43.81 0.71 3.42
N VAL E 205 43.37 0.61 2.16
CA VAL E 205 41.93 0.47 1.91
C VAL E 205 41.38 -0.80 2.53
N PHE E 206 42.13 -1.90 2.43
CA PHE E 206 41.69 -3.16 3.02
C PHE E 206 41.52 -3.05 4.53
N GLY E 207 42.48 -2.41 5.21
CA GLY E 207 42.35 -2.22 6.65
C GLY E 207 41.12 -1.41 7.02
N ILE E 208 40.85 -0.34 6.27
CA ILE E 208 39.70 0.50 6.57
C ILE E 208 38.40 -0.30 6.45
N MET E 209 38.28 -1.08 5.37
CA MET E 209 37.07 -1.88 5.17
C MET E 209 36.89 -2.91 6.28
N LEU E 210 37.99 -3.52 6.73
CA LEU E 210 37.90 -4.49 7.82
C LEU E 210 37.34 -3.84 9.09
N GLN E 211 37.83 -2.65 9.44
CA GLN E 211 37.32 -1.98 10.63
C GLN E 211 35.84 -1.66 10.52
N LEU E 212 35.42 -1.12 9.37
CA LEU E 212 34.01 -0.76 9.20
C LEU E 212 33.11 -1.99 9.34
N TYR E 213 33.52 -3.12 8.76
CA TYR E 213 32.68 -4.29 8.87
C TYR E 213 32.70 -4.90 10.27
N ALA E 214 33.76 -4.68 11.04
CA ALA E 214 33.70 -5.08 12.45
C ALA E 214 32.59 -4.34 13.19
N GLN E 215 32.49 -3.03 12.95
CA GLN E 215 31.42 -2.25 13.59
C GLN E 215 30.03 -2.76 13.17
N ILE E 216 29.86 -3.01 11.87
CA ILE E 216 28.58 -3.51 11.37
C ILE E 216 28.24 -4.85 12.01
N CYS E 217 29.25 -5.71 12.21
CA CYS E 217 29.01 -7.01 12.85
C CYS E 217 28.52 -6.85 14.28
N ARG E 218 29.10 -5.90 15.02
CA ARG E 218 28.59 -5.65 16.37
C ARG E 218 27.11 -5.32 16.37
N ILE E 219 26.71 -4.41 15.47
CA ILE E 219 25.29 -4.01 15.42
C ILE E 219 24.40 -5.22 15.08
N VAL E 220 24.82 -6.01 14.08
CA VAL E 220 24.04 -7.15 13.65
C VAL E 220 23.88 -8.16 14.79
N CYS E 221 24.95 -8.38 15.55
CA CYS E 221 24.89 -9.35 16.64
C CYS E 221 23.88 -8.90 17.71
N ARG E 222 23.90 -7.61 18.06
CA ARG E 222 22.93 -7.14 19.06
C ARG E 222 21.49 -7.38 18.58
N HIS E 223 21.20 -7.00 17.34
CA HIS E 223 19.83 -7.17 16.84
C HIS E 223 19.43 -8.64 16.81
N ALA E 224 20.34 -9.51 16.38
CA ALA E 224 20.01 -10.94 16.27
C ALA E 224 19.74 -11.55 17.64
N GLN E 225 20.53 -11.19 18.66
CA GLN E 225 20.26 -11.71 19.99
C GLN E 225 18.90 -11.25 20.50
N GLN E 226 18.59 -9.96 20.32
CA GLN E 226 17.28 -9.47 20.78
C GLN E 226 16.14 -10.18 20.07
N ILE E 227 16.26 -10.40 18.77
CA ILE E 227 15.19 -11.08 18.04
C ILE E 227 15.04 -12.51 18.51
N ALA E 228 16.16 -13.23 18.66
CA ALA E 228 16.09 -14.65 18.97
C ALA E 228 15.66 -14.92 20.41
N LEU E 229 15.79 -13.95 21.31
CA LEU E 229 15.39 -14.18 22.70
C LEU E 229 13.91 -14.52 22.84
N GLN E 230 13.05 -13.85 22.07
CA GLN E 230 11.61 -13.96 22.26
C GLN E 230 10.97 -15.09 21.46
N ARG E 231 11.74 -16.14 21.13
CA ARG E 231 11.24 -17.31 20.39
C ARG E 231 10.71 -16.90 19.03
N HIS E 232 11.63 -16.39 18.21
CA HIS E 232 11.33 -15.93 16.85
C HIS E 232 10.53 -16.93 16.04
N THR E 242 22.13 -17.17 12.46
CA THR E 242 23.06 -16.19 11.91
C THR E 242 23.87 -16.81 10.77
N ARG E 243 23.19 -17.29 9.74
CA ARG E 243 23.83 -17.84 8.56
C ARG E 243 23.91 -16.84 7.41
N LYS E 244 22.88 -16.01 7.24
CA LYS E 244 22.92 -15.00 6.20
C LYS E 244 24.10 -14.05 6.39
N GLY E 245 24.29 -13.57 7.62
CA GLY E 245 25.37 -12.63 7.87
C GLY E 245 26.73 -13.25 7.55
N ILE E 246 26.96 -14.47 8.03
CA ILE E 246 28.26 -15.11 7.84
C ILE E 246 28.49 -15.40 6.36
N ALA E 247 27.48 -15.90 5.65
CA ALA E 247 27.67 -16.21 4.23
C ALA E 247 27.94 -14.95 3.41
N THR E 248 27.14 -13.90 3.63
CA THR E 248 27.34 -12.65 2.89
C THR E 248 28.70 -12.03 3.21
N LEU E 249 29.09 -12.05 4.49
CA LEU E 249 30.39 -11.49 4.87
C LEU E 249 31.52 -12.29 4.26
N ALA E 250 31.41 -13.62 4.26
CA ALA E 250 32.46 -14.44 3.67
C ALA E 250 32.62 -14.11 2.19
N VAL E 251 31.52 -14.05 1.45
CA VAL E 251 31.61 -13.70 0.03
C VAL E 251 32.27 -12.33 -0.14
N VAL E 252 31.72 -11.32 0.54
CA VAL E 252 32.12 -9.93 0.32
C VAL E 252 33.58 -9.71 0.67
N LEU E 253 34.01 -10.21 1.83
CA LEU E 253 35.35 -9.96 2.34
C LEU E 253 36.35 -11.05 1.97
N GLY E 254 35.94 -12.06 1.19
CA GLY E 254 36.88 -13.05 0.75
C GLY E 254 37.18 -12.93 -0.72
N ALA E 255 36.18 -12.57 -1.54
CA ALA E 255 36.44 -12.39 -2.96
C ALA E 255 37.50 -11.32 -3.18
N PHE E 256 37.37 -10.19 -2.48
CA PHE E 256 38.28 -9.07 -2.65
C PHE E 256 39.73 -9.48 -2.33
N ALA E 257 39.93 -10.08 -1.16
CA ALA E 257 41.27 -10.45 -0.74
C ALA E 257 41.85 -11.55 -1.62
N ALA E 258 41.10 -12.63 -1.83
CA ALA E 258 41.60 -13.76 -2.59
C ALA E 258 41.75 -13.46 -4.07
N CYS E 259 41.20 -12.34 -4.56
CA CYS E 259 41.43 -11.94 -5.94
C CYS E 259 42.50 -10.87 -6.09
N TRP E 260 42.81 -10.10 -5.05
CA TRP E 260 43.77 -9.02 -5.24
C TRP E 260 45.09 -9.17 -4.51
N LEU E 261 45.19 -9.99 -3.46
CA LEU E 261 46.45 -10.10 -2.73
C LEU E 261 47.61 -10.67 -3.55
N PRO E 262 47.46 -11.71 -4.37
CA PRO E 262 48.61 -12.22 -5.14
C PRO E 262 49.35 -11.16 -5.95
N PHE E 263 48.65 -10.41 -6.79
CA PHE E 263 49.30 -9.40 -7.63
C PHE E 263 49.98 -8.33 -6.78
N THR E 264 49.30 -7.91 -5.70
CA THR E 264 49.86 -6.87 -4.85
C THR E 264 51.16 -7.32 -4.18
N VAL E 265 51.21 -8.58 -3.73
CA VAL E 265 52.45 -9.08 -3.13
C VAL E 265 53.53 -9.26 -4.19
N TYR E 266 53.14 -9.74 -5.38
CA TYR E 266 54.11 -9.95 -6.45
C TYR E 266 54.76 -8.65 -6.87
N CYS E 267 54.00 -7.55 -6.89
CA CYS E 267 54.57 -6.26 -7.23
C CYS E 267 55.72 -5.88 -6.31
N LEU E 268 55.65 -6.28 -5.04
CA LEU E 268 56.75 -6.04 -4.12
C LEU E 268 57.89 -7.04 -4.33
N LEU E 269 57.57 -8.33 -4.39
CA LEU E 269 58.62 -9.34 -4.48
C LEU E 269 59.17 -9.52 -5.89
N GLY E 270 58.41 -9.18 -6.92
CA GLY E 270 58.87 -9.42 -8.28
C GLY E 270 59.85 -8.38 -8.78
N ASP E 271 60.40 -8.66 -9.96
CA ASP E 271 61.35 -7.78 -10.63
C ASP E 271 61.11 -7.89 -12.13
N ALA E 272 62.03 -7.33 -12.92
CA ALA E 272 61.91 -7.34 -14.37
C ALA E 272 62.57 -8.55 -15.02
N HIS E 273 63.11 -9.47 -14.23
CA HIS E 273 63.74 -10.67 -14.75
C HIS E 273 62.89 -11.92 -14.61
N SER E 274 61.78 -11.85 -13.88
CA SER E 274 60.88 -12.99 -13.77
C SER E 274 60.20 -13.26 -15.10
N PRO E 275 59.87 -14.53 -15.39
CA PRO E 275 59.18 -14.83 -16.65
C PRO E 275 57.79 -14.22 -16.66
N PRO E 276 57.28 -13.85 -17.83
CA PRO E 276 55.95 -13.22 -17.90
C PRO E 276 54.80 -14.14 -17.53
N LEU E 277 55.05 -15.45 -17.40
CA LEU E 277 53.98 -16.36 -17.00
C LEU E 277 53.48 -16.03 -15.59
N TYR E 278 54.37 -15.53 -14.73
CA TYR E 278 53.94 -15.09 -13.41
C TYR E 278 52.93 -13.94 -13.50
N THR E 279 53.22 -12.98 -14.39
CA THR E 279 52.34 -11.80 -14.58
C THR E 279 51.01 -12.22 -15.22
N TYR E 280 51.03 -13.28 -16.04
CA TYR E 280 49.80 -13.76 -16.72
C TYR E 280 48.95 -14.58 -15.75
N LEU E 281 49.61 -15.29 -14.82
CA LEU E 281 48.93 -16.13 -13.85
C LEU E 281 48.40 -15.35 -12.66
N THR E 282 49.06 -14.27 -12.26
CA THR E 282 48.56 -13.45 -11.16
C THR E 282 47.63 -12.33 -11.61
N LEU E 283 47.47 -12.12 -12.92
CA LEU E 283 46.60 -11.05 -13.39
C LEU E 283 45.18 -11.51 -13.69
N LEU E 284 44.87 -12.80 -13.53
CA LEU E 284 43.53 -13.28 -13.87
C LEU E 284 42.49 -13.04 -12.79
N PRO E 285 42.73 -13.35 -11.51
CA PRO E 285 41.70 -13.06 -10.49
C PRO E 285 41.33 -11.59 -10.41
N ALA E 286 42.28 -10.69 -10.67
CA ALA E 286 41.98 -9.27 -10.74
C ALA E 286 40.96 -8.96 -11.82
N THR E 287 40.82 -9.82 -12.81
CA THR E 287 39.79 -9.67 -13.84
C THR E 287 38.52 -10.43 -13.48
N TYR E 288 38.63 -11.55 -12.77
CA TYR E 288 37.44 -12.27 -12.34
C TYR E 288 36.64 -11.49 -11.30
N ASN E 289 37.32 -10.65 -10.52
CA ASN E 289 36.61 -9.83 -9.54
C ASN E 289 35.61 -8.89 -10.22
N SER E 290 35.95 -8.39 -11.41
CA SER E 290 35.06 -7.52 -12.15
C SER E 290 33.82 -8.23 -12.66
N MET E 291 33.85 -9.57 -12.70
CA MET E 291 32.66 -10.37 -12.98
C MET E 291 31.90 -10.69 -11.70
N ILE E 292 32.61 -10.92 -10.61
CA ILE E 292 31.97 -11.29 -9.36
C ILE E 292 31.17 -10.11 -8.80
N ASN E 293 31.69 -8.89 -8.94
CA ASN E 293 31.08 -7.75 -8.26
C ASN E 293 29.63 -7.46 -8.65
N PRO E 294 29.25 -7.41 -9.94
CA PRO E 294 27.86 -7.06 -10.26
C PRO E 294 26.83 -8.04 -9.71
N ILE E 295 27.18 -9.31 -9.58
CA ILE E 295 26.24 -10.29 -9.02
C ILE E 295 26.00 -10.01 -7.55
N ILE E 296 27.07 -9.67 -6.81
CA ILE E 296 26.93 -9.40 -5.38
C ILE E 296 26.15 -8.11 -5.15
N TYR E 297 26.52 -7.04 -5.86
CA TYR E 297 26.06 -5.71 -5.48
C TYR E 297 24.84 -5.23 -6.25
N ALA E 298 24.58 -5.75 -7.45
CA ALA E 298 23.52 -5.22 -8.29
C ALA E 298 22.41 -6.22 -8.56
N PHE E 299 22.74 -7.46 -8.90
CA PHE E 299 21.73 -8.40 -9.37
C PHE E 299 20.92 -9.04 -8.26
N ARG E 300 21.28 -8.81 -6.99
CA ARG E 300 20.51 -9.36 -5.89
C ARG E 300 19.47 -8.38 -5.35
N ASN E 301 19.34 -7.21 -5.95
CA ASN E 301 18.29 -6.27 -5.57
C ASN E 301 16.94 -6.72 -6.13
N GLN E 302 15.87 -6.35 -5.44
CA GLN E 302 14.54 -6.80 -5.83
C GLN E 302 13.99 -6.03 -7.02
N ASP E 303 14.19 -4.71 -7.06
CA ASP E 303 13.67 -3.90 -8.15
C ASP E 303 14.31 -4.31 -9.48
N VAL E 304 15.63 -4.51 -9.48
CA VAL E 304 16.30 -4.89 -10.71
C VAL E 304 15.86 -6.28 -11.16
N GLN E 305 15.63 -7.19 -10.20
CA GLN E 305 15.14 -8.51 -10.56
C GLN E 305 13.76 -8.43 -11.20
N LYS E 306 12.86 -7.61 -10.63
CA LYS E 306 11.53 -7.46 -11.20
C LYS E 306 11.60 -6.86 -12.60
N VAL E 307 12.42 -5.82 -12.79
CA VAL E 307 12.55 -5.20 -14.10
C VAL E 307 13.11 -6.19 -15.11
N LEU E 308 14.14 -6.95 -14.72
CA LEU E 308 14.75 -7.91 -15.63
C LEU E 308 13.76 -9.01 -16.00
N TRP E 309 13.00 -9.52 -15.02
CA TRP E 309 11.99 -10.53 -15.32
C TRP E 309 10.93 -10.00 -16.27
N ALA E 310 10.49 -8.75 -16.07
CA ALA E 310 9.52 -8.16 -16.96
C ALA E 310 10.07 -8.00 -18.37
N VAL E 311 11.34 -7.62 -18.49
CA VAL E 311 11.91 -7.32 -19.81
C VAL E 311 12.23 -8.60 -20.56
N CYS E 312 13.11 -9.43 -20.00
CA CYS E 312 13.57 -10.61 -20.74
C CYS E 312 12.43 -11.60 -20.94
N CYS E 313 11.61 -11.81 -19.92
CA CYS E 313 10.50 -12.75 -20.01
C CYS E 313 9.16 -12.02 -20.01
C1 OLA F . 49.17 -6.97 -19.98
O1 OLA F . 48.16 -7.64 -20.27
O2 OLA F . 50.34 -7.39 -20.12
C2 OLA F . 48.98 -5.56 -19.45
C3 OLA F . 47.73 -5.36 -18.65
C4 OLA F . 47.76 -4.08 -17.84
C5 OLA F . 48.51 -4.18 -16.54
C6 OLA F . 48.18 -3.10 -15.54
C7 OLA F . 47.35 -3.56 -14.36
C8 OLA F . 46.88 -2.46 -13.46
C9 OLA F . 47.92 -2.01 -12.48
C10 OLA F . 47.68 -1.56 -11.28
C11 OLA F . 46.36 -1.62 -10.56
C12 OLA F . 46.51 -1.83 -9.08
C13 OLA F . 45.36 -1.25 -8.26
C14 OLA F . 45.78 -0.73 -6.91
C15 OLA F . 44.70 0.01 -6.16
C16 OLA F . 45.19 1.17 -5.34
C17 OLA F . 44.22 1.66 -4.30
C18 OLA F . 43.41 2.86 -4.74
CAA Y01 G . 44.52 7.20 1.90
CBA Y01 G . 43.54 6.05 1.77
CAB Y01 G . 43.72 5.36 0.43
CAN Y01 G . 42.12 6.61 1.83
CAJ Y01 G . 41.77 7.09 3.23
CAO Y01 G . 40.26 7.28 3.35
CBB Y01 G . 39.93 7.86 4.72
CAC Y01 G . 40.63 9.20 4.89
CBE Y01 G . 38.40 8.00 4.87
CAP Y01 G . 37.63 6.83 4.23
CAQ Y01 G . 36.69 6.26 5.30
CBG Y01 G . 36.47 7.46 6.19
CBI Y01 G . 37.92 8.00 6.35
CAE Y01 G . 38.77 7.03 7.18
CAU Y01 G . 37.83 9.38 7.01
CAS Y01 G . 37.14 9.23 8.36
CBF Y01 G . 35.74 8.61 8.24
CBD Y01 G . 35.82 7.25 7.54
CAK Y01 G . 34.43 6.67 7.36
CAI Y01 G . 33.68 6.67 8.63
CAZ Y01 G . 33.86 7.58 9.57
CAV Y01 G . 32.97 7.58 10.77
CBH Y01 G . 35.06 8.47 9.63
CAD Y01 G . 36.05 7.89 10.65
CAT Y01 G . 34.63 9.88 10.08
CAR Y01 G . 33.82 9.81 11.37
CBC Y01 G . 32.56 9.02 11.07
OAW Y01 G . 31.74 9.04 12.22
CAY Y01 G . 30.88 10.10 12.32
OAG Y01 G . 30.01 10.20 11.46
CAM Y01 G . 31.11 11.05 13.46
CAL Y01 G . 31.61 12.38 12.89
CAX Y01 G . 30.47 13.31 12.43
OAH Y01 G . 29.32 12.84 12.45
OAF Y01 G . 30.79 14.47 12.06
C1 PLM H . 31.79 12.27 7.60
O1 PLM H . 30.80 12.35 8.37
O2 PLM H . 32.95 12.63 7.87
C2 PLM H . 31.51 11.69 6.21
C3 PLM H . 32.79 11.67 5.42
C4 PLM H . 32.50 11.47 3.94
C5 PLM H . 33.81 11.24 3.18
C6 PLM H . 34.46 9.95 3.67
C7 PLM H . 35.75 9.65 2.90
C8 PLM H . 35.43 8.72 1.75
C9 PLM H . 36.68 8.48 0.90
CA PLM H . 36.31 7.80 -0.42
CB PLM H . 37.36 8.14 -1.47
CC PLM H . 38.49 7.13 -1.45
CD PLM H . 39.49 7.45 -2.56
CE PLM H . 40.18 6.20 -3.08
CF PLM H . 41.05 6.55 -4.28
CG PLM H . 40.77 5.64 -5.45
#